data_3PRY
#
_entry.id   3PRY
#
_cell.length_a   73.710
_cell.length_b   73.710
_cell.length_c   149.050
_cell.angle_alpha   90.00
_cell.angle_beta   90.00
_cell.angle_gamma   120.00
#
_symmetry.space_group_name_H-M   'P 31'
#
loop_
_entity.id
_entity.type
_entity.pdbx_description
1 polymer 'Heat shock protein HSP 90-beta'
2 non-polymer 'SULFATE ION'
3 non-polymer GLYCEROL
4 non-polymer 1,2-ETHANEDIOL
5 water water
#
_entity_poly.entity_id   1
_entity_poly.type   'polypeptide(L)'
_entity_poly.pdbx_seq_one_letter_code
;MKTKPIWTRNPDDITQEEYGEFYKSLTNDWEDHLAVKHFSVEGQLEFRALLFIPRRAPFDLFENKKKKNNIKLYVRRVFI
MDSCDELIPEYLNFIRGVVDSEDLPLNISREMLQQSKILKVIRKNIVKKCLELFSELAEDKENYKKFYEAFSKNLKLGIH
EDSTNRRRLSELLRYHTSQSGDEMTSLSEYVSRMKETQKSIYYITGESKEQVANSAFVERVRKRGFEVVYMTEPIDEYCV
QQLKEFDGKSLVSVTKEGLELAENLYFQ
;
_entity_poly.pdbx_strand_id   A,B,C
#
# COMPACT_ATOMS: atom_id res chain seq x y z
N LYS A 2 -7.59 16.27 27.41
CA LYS A 2 -7.27 17.04 26.17
C LYS A 2 -5.86 17.62 26.27
N THR A 3 -5.61 18.44 27.28
CA THR A 3 -4.25 18.89 27.53
C THR A 3 -3.24 17.72 27.42
N LYS A 4 -3.71 16.49 27.64
CA LYS A 4 -2.84 15.30 27.60
C LYS A 4 -3.23 14.40 26.41
N PRO A 5 -2.23 13.87 25.69
CA PRO A 5 -2.62 13.12 24.49
C PRO A 5 -3.45 11.87 24.81
N ILE A 6 -4.45 11.61 23.98
CA ILE A 6 -5.41 10.52 24.21
C ILE A 6 -4.73 9.18 24.54
N TRP A 7 -3.59 8.90 23.90
CA TRP A 7 -2.94 7.60 24.07
C TRP A 7 -2.31 7.43 25.46
N THR A 8 -2.03 8.55 26.13
CA THR A 8 -1.54 8.48 27.51
C THR A 8 -2.66 8.33 28.54
N ARG A 9 -3.92 8.43 28.14
CA ARG A 9 -5.00 8.36 29.11
C ARG A 9 -5.39 6.94 29.36
N ASN A 10 -6.12 6.74 30.44
CA ASN A 10 -6.58 5.43 30.84
C ASN A 10 -7.78 5.10 30.01
N PRO A 11 -7.73 3.97 29.28
CA PRO A 11 -8.82 3.54 28.40
C PRO A 11 -10.24 3.59 29.00
N ASP A 12 -10.33 3.38 30.33
CA ASP A 12 -11.61 3.20 31.02
C ASP A 12 -12.40 4.48 31.02
N ASP A 13 -11.72 5.61 30.93
CA ASP A 13 -12.43 6.90 30.89
C ASP A 13 -12.25 7.64 29.59
N ILE A 14 -12.06 6.88 28.51
CA ILE A 14 -12.08 7.41 27.17
C ILE A 14 -13.33 6.86 26.46
N THR A 15 -14.12 7.71 25.83
CA THR A 15 -15.27 7.15 25.09
C THR A 15 -14.88 6.71 23.68
N GLN A 16 -15.77 5.93 23.08
CA GLN A 16 -15.59 5.43 21.73
C GLN A 16 -15.53 6.58 20.76
N GLU A 17 -16.30 7.62 21.03
CA GLU A 17 -16.34 8.79 20.14
C GLU A 17 -15.09 9.57 20.18
N GLU A 18 -14.40 9.58 21.32
CA GLU A 18 -13.09 10.29 21.46
C GLU A 18 -11.99 9.49 20.70
N TYR A 19 -12.04 8.17 20.83
CA TYR A 19 -11.26 7.28 19.98
C TYR A 19 -11.50 7.58 18.52
N GLY A 20 -12.78 7.60 18.12
CA GLY A 20 -13.13 7.84 16.72
C GLY A 20 -12.64 9.14 16.16
N GLU A 21 -12.82 10.21 16.93
CA GLU A 21 -12.30 11.49 16.56
C GLU A 21 -10.79 11.52 16.42
N PHE A 22 -10.07 10.92 17.37
CA PHE A 22 -8.63 10.82 17.22
C PHE A 22 -8.26 9.95 16.01
N TYR A 23 -8.95 8.83 15.83
CA TYR A 23 -8.72 8.03 14.64
C TYR A 23 -8.90 8.85 13.34
N LYS A 24 -9.96 9.63 13.28
CA LYS A 24 -10.26 10.45 12.10
C LYS A 24 -9.18 11.53 11.82
N SER A 25 -8.64 12.17 12.86
CA SER A 25 -7.50 13.06 12.60
C SER A 25 -6.19 12.29 12.35
N LEU A 26 -6.04 11.11 12.95
CA LEU A 26 -4.82 10.36 12.78
C LEU A 26 -4.68 9.94 11.32
N THR A 27 -5.79 9.52 10.71
CA THR A 27 -5.76 8.88 9.40
C THR A 27 -6.39 9.67 8.23
N ASN A 28 -7.00 10.81 8.51
CA ASN A 28 -7.67 11.59 7.48
C ASN A 28 -8.85 10.92 6.80
N ASP A 29 -9.51 9.96 7.43
CA ASP A 29 -10.74 9.46 6.81
C ASP A 29 -12.02 9.95 7.51
N TRP A 30 -13.15 9.71 6.85
CA TRP A 30 -14.42 10.32 7.18
C TRP A 30 -15.29 9.44 8.08
N GLU A 31 -14.89 8.19 8.23
CA GLU A 31 -15.58 7.22 9.06
C GLU A 31 -14.77 6.98 10.27
N ASP A 32 -15.42 6.64 11.38
CA ASP A 32 -14.67 6.25 12.55
C ASP A 32 -14.16 4.81 12.37
N HIS A 33 -13.26 4.42 13.25
CA HIS A 33 -12.67 3.08 13.29
C HIS A 33 -13.65 1.93 13.44
N LEU A 34 -13.24 0.75 12.95
CA LEU A 34 -14.00 -0.46 13.23
C LEU A 34 -13.81 -0.90 14.66
N ALA A 35 -12.59 -0.80 15.16
CA ALA A 35 -12.25 -1.42 16.44
C ALA A 35 -10.92 -0.85 16.87
N VAL A 36 -10.70 -0.87 18.18
CA VAL A 36 -9.59 -0.15 18.75
C VAL A 36 -9.01 -1.02 19.87
N LYS A 37 -7.71 -0.93 20.06
CA LYS A 37 -7.01 -1.60 21.15
C LYS A 37 -5.97 -0.64 21.68
N HIS A 38 -5.97 -0.46 23.00
CA HIS A 38 -5.17 0.58 23.66
C HIS A 38 -4.48 -0.16 24.75
N PHE A 39 -3.16 -0.10 24.82
CA PHE A 39 -2.51 -0.79 25.92
C PHE A 39 -1.20 -0.12 26.27
N SER A 40 -0.65 -0.55 27.40
CA SER A 40 0.70 -0.20 27.82
C SER A 40 1.50 -1.44 28.20
N VAL A 41 2.81 -1.34 27.99
CA VAL A 41 3.76 -2.30 28.53
C VAL A 41 4.60 -1.55 29.51
N GLU A 42 4.86 -2.18 30.63
CA GLU A 42 5.55 -1.53 31.79
C GLU A 42 6.50 -2.51 32.42
N GLY A 43 7.23 -2.04 33.42
CA GLY A 43 8.29 -2.83 34.01
C GLY A 43 9.61 -2.24 33.56
N GLN A 44 10.42 -3.06 32.90
CA GLN A 44 11.76 -2.64 32.48
C GLN A 44 11.79 -1.91 31.15
N LEU A 45 10.62 -1.82 30.52
CA LEU A 45 10.43 -1.05 29.32
C LEU A 45 9.07 -0.42 29.42
N GLU A 46 8.93 0.83 28.97
CA GLU A 46 7.66 1.50 29.03
C GLU A 46 7.24 2.15 27.72
N PHE A 47 6.13 1.68 27.19
CA PHE A 47 5.56 2.37 26.09
C PHE A 47 4.07 2.17 26.13
N ARG A 48 3.37 3.01 25.39
CA ARG A 48 1.95 2.90 25.21
C ARG A 48 1.63 2.80 23.73
N ALA A 49 0.57 2.04 23.40
CA ALA A 49 0.18 1.91 22.02
C ALA A 49 -1.33 2.03 21.84
N LEU A 50 -1.75 2.86 20.88
CA LEU A 50 -3.16 3.00 20.51
C LEU A 50 -3.34 2.63 19.07
N LEU A 51 -4.02 1.50 18.85
CA LEU A 51 -4.12 0.87 17.53
C LEU A 51 -5.55 0.69 17.06
N PHE A 52 -5.77 0.96 15.78
CA PHE A 52 -7.08 0.94 15.15
C PHE A 52 -7.15 0.07 13.90
N ILE A 53 -8.25 -0.70 13.82
CA ILE A 53 -8.64 -1.36 12.58
C ILE A 53 -9.63 -0.44 11.88
N PRO A 54 -9.31 -0.01 10.65
CA PRO A 54 -10.28 0.76 9.91
C PRO A 54 -11.45 -0.08 9.42
N ARG A 55 -12.46 0.59 8.88
CA ARG A 55 -13.67 -0.07 8.34
C ARG A 55 -13.48 -0.51 6.89
N ARG A 56 -12.53 0.08 6.19
CA ARG A 56 -12.25 -0.26 4.79
C ARG A 56 -10.84 -0.67 4.62
N ALA A 57 -10.60 -1.51 3.62
CA ALA A 57 -9.27 -1.62 3.05
C ALA A 57 -9.05 -0.30 2.33
N PRO A 58 -7.91 0.37 2.59
CA PRO A 58 -7.60 1.56 1.78
C PRO A 58 -7.59 1.21 0.29
N PHE A 59 -6.88 0.13 -0.05
CA PHE A 59 -7.13 -0.58 -1.30
C PHE A 59 -6.87 0.30 -2.52
N LYS A 68 1.37 1.67 4.06
CA LYS A 68 2.77 1.52 4.45
C LYS A 68 3.19 2.46 5.59
N ASN A 69 2.85 3.74 5.50
CA ASN A 69 3.20 4.71 6.54
C ASN A 69 2.13 4.74 7.62
N ASN A 70 2.01 3.65 8.39
CA ASN A 70 0.78 3.34 9.11
C ASN A 70 0.78 3.53 10.65
N ILE A 71 1.88 3.21 11.34
CA ILE A 71 1.99 3.51 12.78
C ILE A 71 2.94 4.68 13.03
N LYS A 72 2.42 5.78 13.59
CA LYS A 72 3.27 6.87 14.06
C LYS A 72 4.06 6.46 15.29
N LEU A 73 5.36 6.74 15.30
CA LEU A 73 6.21 6.47 16.46
C LEU A 73 6.56 7.75 17.18
N TYR A 74 6.26 7.75 18.47
CA TYR A 74 6.62 8.84 19.36
C TYR A 74 7.66 8.33 20.34
N VAL A 75 8.58 9.21 20.75
CA VAL A 75 9.50 8.92 21.87
C VAL A 75 9.30 9.97 22.94
N ARG A 76 8.91 9.57 24.13
CA ARG A 76 8.64 10.52 25.22
C ARG A 76 7.74 11.66 24.69
N ARG A 77 6.63 11.26 24.06
CA ARG A 77 5.63 12.16 23.49
C ARG A 77 6.13 13.12 22.41
N VAL A 78 7.29 12.84 21.80
CA VAL A 78 7.77 13.59 20.65
C VAL A 78 7.67 12.70 19.38
N PHE A 79 6.92 13.14 18.36
CA PHE A 79 6.84 12.47 17.07
C PHE A 79 8.20 12.42 16.41
N ILE A 80 8.56 11.24 15.94
CA ILE A 80 9.87 11.01 15.33
C ILE A 80 9.70 10.71 13.85
N MET A 81 8.83 9.74 13.56
CA MET A 81 8.60 9.33 12.20
C MET A 81 7.36 8.46 12.09
N ASP A 82 6.83 8.42 10.87
CA ASP A 82 5.70 7.60 10.48
C ASP A 82 6.17 6.31 9.78
N SER A 83 7.48 6.18 9.58
CA SER A 83 8.02 5.15 8.69
C SER A 83 8.93 4.17 9.42
N CYS A 84 8.70 4.01 10.73
CA CYS A 84 9.42 2.97 11.48
C CYS A 84 8.89 1.60 11.07
N ASP A 85 9.60 0.96 10.15
CA ASP A 85 9.12 -0.27 9.52
C ASP A 85 9.13 -1.41 10.50
N GLU A 86 10.19 -1.44 11.32
CA GLU A 86 10.45 -2.53 12.24
C GLU A 86 9.37 -2.75 13.28
N LEU A 87 8.41 -1.83 13.36
CA LEU A 87 7.37 -1.86 14.38
C LEU A 87 6.31 -2.93 14.17
N ILE A 88 6.00 -3.27 12.91
CA ILE A 88 4.87 -4.17 12.69
C ILE A 88 5.16 -5.00 11.41
N PRO A 89 4.71 -6.28 11.34
CA PRO A 89 4.91 -7.04 10.11
C PRO A 89 4.08 -6.47 8.98
N GLU A 90 4.46 -6.75 7.75
CA GLU A 90 3.76 -6.22 6.57
C GLU A 90 2.29 -6.64 6.48
N TYR A 91 1.95 -7.87 6.89
CA TYR A 91 0.56 -8.34 6.74
C TYR A 91 -0.42 -7.57 7.64
N LEU A 92 0.11 -6.88 8.65
CA LEU A 92 -0.71 -5.97 9.45
C LEU A 92 -0.53 -4.50 9.05
N ASN A 93 -0.12 -4.23 7.81
CA ASN A 93 -0.02 -2.83 7.35
C ASN A 93 -1.38 -2.05 7.28
N PHE A 94 -2.51 -2.71 7.47
CA PHE A 94 -3.75 -1.96 7.55
C PHE A 94 -3.97 -1.29 8.92
N ILE A 95 -3.25 -1.76 9.95
CA ILE A 95 -3.39 -1.20 11.30
C ILE A 95 -2.85 0.23 11.36
N ARG A 96 -3.64 1.15 11.91
CA ARG A 96 -3.27 2.56 12.04
C ARG A 96 -3.16 2.86 13.54
N GLY A 97 -2.18 3.63 13.94
CA GLY A 97 -2.10 3.96 15.32
C GLY A 97 -0.88 4.71 15.71
N VAL A 98 -0.67 4.80 17.02
CA VAL A 98 0.51 5.47 17.49
C VAL A 98 1.12 4.61 18.54
N VAL A 99 2.45 4.64 18.59
CA VAL A 99 3.21 4.04 19.66
C VAL A 99 4.12 5.11 20.23
N ASP A 100 4.17 5.19 21.55
CA ASP A 100 4.91 6.20 22.32
C ASP A 100 5.82 5.49 23.31
N SER A 101 7.12 5.49 23.02
CA SER A 101 8.10 4.77 23.79
C SER A 101 8.83 5.73 24.71
N GLU A 102 8.94 5.37 25.98
CA GLU A 102 9.66 6.20 26.92
CA GLU A 102 9.66 6.17 26.97
C GLU A 102 11.16 5.85 26.96
N ASP A 103 11.56 4.76 26.28
CA ASP A 103 12.95 4.25 26.33
C ASP A 103 13.86 4.46 25.10
N LEU A 104 13.30 4.60 23.89
CA LEU A 104 14.15 4.80 22.69
C LEU A 104 14.93 6.13 22.79
N PRO A 105 16.01 6.30 22.00
CA PRO A 105 16.80 7.57 21.95
C PRO A 105 16.23 8.72 21.06
N LEU A 106 16.97 9.83 20.95
CA LEU A 106 16.50 11.03 20.21
C LEU A 106 17.30 11.54 18.95
N ASN A 107 18.07 10.72 18.21
CA ASN A 107 18.45 9.34 18.52
C ASN A 107 19.96 9.18 18.67
N ILE A 108 20.71 10.28 18.43
CA ILE A 108 22.16 10.23 18.26
C ILE A 108 22.90 10.00 19.58
N SER A 109 22.63 8.85 20.21
CA SER A 109 23.37 8.40 21.37
C SER A 109 24.25 7.22 20.95
N ARG A 110 24.55 7.13 19.66
CA ARG A 110 25.46 6.14 19.08
C ARG A 110 25.21 4.71 19.57
N GLU A 111 23.95 4.40 19.89
CA GLU A 111 23.56 3.07 20.38
C GLU A 111 22.45 2.51 19.49
N MET A 112 22.74 1.38 18.84
CA MET A 112 21.86 0.83 17.79
C MET A 112 21.39 -0.61 18.08
N LEU A 113 22.24 -1.41 18.68
CA LEU A 113 21.82 -2.71 19.22
C LEU A 113 20.64 -2.50 20.15
N GLN A 114 20.76 -1.51 21.03
CA GLN A 114 19.73 -1.24 22.02
C GLN A 114 18.37 -0.91 21.39
N GLN A 115 18.35 -0.08 20.36
CA GLN A 115 17.10 0.29 19.65
C GLN A 115 16.38 -0.91 19.02
N SER A 116 17.13 -1.67 18.22
CA SER A 116 16.63 -2.92 17.61
C SER A 116 15.93 -3.82 18.61
N LYS A 117 16.57 -4.04 19.75
CA LYS A 117 16.00 -4.92 20.78
C LYS A 117 14.70 -4.36 21.34
N ILE A 118 14.68 -3.04 21.59
CA ILE A 118 13.48 -2.37 22.09
C ILE A 118 12.38 -2.37 21.06
N LEU A 119 12.73 -2.07 19.82
CA LEU A 119 11.78 -2.12 18.73
C LEU A 119 11.27 -3.54 18.50
N LYS A 120 12.06 -4.57 18.82
CA LYS A 120 11.61 -5.97 18.68
C LYS A 120 10.53 -6.28 19.69
N VAL A 121 10.72 -5.81 20.93
CA VAL A 121 9.75 -6.07 21.98
C VAL A 121 8.48 -5.31 21.71
N ILE A 122 8.60 -4.14 21.11
CA ILE A 122 7.44 -3.32 20.80
C ILE A 122 6.63 -4.09 19.78
N ARG A 123 7.32 -4.53 18.71
CA ARG A 123 6.68 -5.24 17.63
C ARG A 123 5.97 -6.51 18.09
N LYS A 124 6.62 -7.34 18.90
CA LYS A 124 5.96 -8.54 19.38
C LYS A 124 4.67 -8.24 20.15
N ASN A 125 4.71 -7.21 20.99
CA ASN A 125 3.52 -6.73 21.70
C ASN A 125 2.42 -6.22 20.82
N ILE A 126 2.77 -5.42 19.83
CA ILE A 126 1.78 -4.99 18.85
C ILE A 126 1.16 -6.21 18.13
N VAL A 127 1.95 -7.18 17.76
CA VAL A 127 1.38 -8.31 17.04
C VAL A 127 0.47 -9.05 18.02
N LYS A 128 1.00 -9.36 19.20
CA LYS A 128 0.22 -10.06 20.20
C LYS A 128 -1.15 -9.41 20.42
N LYS A 129 -1.15 -8.09 20.41
CA LYS A 129 -2.32 -7.35 20.84
C LYS A 129 -3.29 -7.24 19.67
N CYS A 130 -2.76 -7.15 18.47
CA CYS A 130 -3.61 -7.20 17.27
C CYS A 130 -4.38 -8.51 17.19
N LEU A 131 -3.66 -9.63 17.28
CA LEU A 131 -4.32 -10.93 17.27
C LEU A 131 -5.35 -11.03 18.41
N GLU A 132 -5.04 -10.46 19.57
CA GLU A 132 -5.96 -10.49 20.70
C GLU A 132 -7.30 -9.83 20.33
N LEU A 133 -7.19 -8.65 19.73
CA LEU A 133 -8.32 -7.87 19.23
C LEU A 133 -9.12 -8.61 18.19
N PHE A 134 -8.43 -9.23 17.24
CA PHE A 134 -9.11 -10.03 16.23
C PHE A 134 -9.90 -11.18 16.90
N SER A 135 -9.33 -11.82 17.91
CA SER A 135 -10.05 -12.89 18.63
C SER A 135 -11.30 -12.37 19.33
N GLU A 136 -11.20 -11.20 19.96
CA GLU A 136 -12.36 -10.57 20.62
C GLU A 136 -13.40 -10.09 19.59
N LEU A 137 -12.93 -9.61 18.47
CA LEU A 137 -13.81 -9.24 17.40
C LEU A 137 -14.62 -10.47 16.94
N ALA A 138 -13.99 -11.65 17.01
CA ALA A 138 -14.62 -12.89 16.55
C ALA A 138 -15.74 -13.33 17.48
N GLU A 139 -15.72 -12.89 18.73
CA GLU A 139 -16.81 -13.20 19.64
C GLU A 139 -18.13 -12.54 19.20
N ASP A 140 -18.03 -11.50 18.36
CA ASP A 140 -19.17 -10.69 17.90
C ASP A 140 -19.26 -10.85 16.38
N LYS A 141 -20.21 -11.67 15.93
CA LYS A 141 -20.26 -12.10 14.52
C LYS A 141 -20.44 -10.96 13.52
N GLU A 142 -21.38 -10.06 13.80
CA GLU A 142 -21.74 -9.02 12.83
C GLU A 142 -20.54 -8.13 12.49
N ASN A 143 -19.77 -7.73 13.50
CA ASN A 143 -18.63 -6.86 13.29
C ASN A 143 -17.40 -7.62 12.85
N TYR A 144 -17.28 -8.88 13.31
CA TYR A 144 -16.24 -9.73 12.80
C TYR A 144 -16.42 -9.94 11.32
N LYS A 145 -17.67 -10.08 10.87
CA LYS A 145 -17.92 -10.17 9.44
C LYS A 145 -17.41 -8.93 8.70
N LYS A 146 -17.60 -7.74 9.27
CA LYS A 146 -17.12 -6.52 8.62
C LYS A 146 -15.58 -6.45 8.60
N PHE A 147 -14.94 -6.85 9.69
CA PHE A 147 -13.49 -7.00 9.70
C PHE A 147 -13.04 -8.04 8.68
N TYR A 148 -13.59 -9.23 8.74
CA TYR A 148 -13.14 -10.33 7.85
C TYR A 148 -13.28 -9.97 6.38
N GLU A 149 -14.41 -9.38 6.03
CA GLU A 149 -14.64 -8.98 4.66
C GLU A 149 -13.59 -7.98 4.14
N ALA A 150 -13.01 -7.16 5.02
CA ALA A 150 -12.06 -6.17 4.56
C ALA A 150 -10.61 -6.66 4.59
N PHE A 151 -10.27 -7.52 5.55
CA PHE A 151 -8.86 -7.84 5.78
C PHE A 151 -8.55 -9.35 5.86
N SER A 152 -9.44 -10.20 5.32
CA SER A 152 -9.20 -11.66 5.32
C SER A 152 -7.93 -12.03 4.59
N LYS A 153 -7.67 -11.32 3.51
CA LYS A 153 -6.46 -11.48 2.72
C LYS A 153 -5.23 -11.29 3.62
N ASN A 154 -5.27 -10.29 4.50
CA ASN A 154 -4.13 -9.99 5.37
C ASN A 154 -3.83 -11.10 6.38
N LEU A 155 -4.86 -11.68 6.97
CA LEU A 155 -4.67 -12.83 7.86
C LEU A 155 -4.00 -13.98 7.10
N LYS A 156 -4.30 -14.04 5.80
CA LYS A 156 -3.84 -15.13 4.93
C LYS A 156 -2.39 -14.91 4.52
N LEU A 157 -2.03 -13.66 4.26
CA LEU A 157 -0.64 -13.35 4.01
C LEU A 157 0.16 -13.64 5.26
N GLY A 158 -0.46 -13.42 6.41
CA GLY A 158 0.20 -13.65 7.69
C GLY A 158 0.60 -15.09 8.03
N ILE A 159 -0.04 -16.05 7.38
CA ILE A 159 0.35 -17.46 7.51
C ILE A 159 1.74 -17.68 6.92
N HIS A 160 2.03 -16.98 5.82
CA HIS A 160 3.38 -16.98 5.30
C HIS A 160 4.37 -16.23 6.21
N GLU A 161 4.12 -14.94 6.41
CA GLU A 161 5.04 -14.03 7.12
C GLU A 161 5.31 -14.34 8.61
N ASP A 162 4.32 -14.85 9.34
CA ASP A 162 4.43 -15.00 10.79
C ASP A 162 4.38 -16.46 11.28
N SER A 163 5.51 -17.18 11.24
CA SER A 163 5.58 -18.58 11.75
C SER A 163 4.93 -18.78 13.11
N THR A 164 5.32 -17.95 14.06
CA THR A 164 4.94 -18.05 15.46
C THR A 164 3.42 -18.00 15.70
N ASN A 165 2.73 -17.19 14.91
CA ASN A 165 1.31 -16.98 15.13
C ASN A 165 0.51 -17.66 14.04
N ARG A 166 1.12 -18.62 13.36
CA ARG A 166 0.49 -19.29 12.21
C ARG A 166 -0.80 -19.97 12.60
N ARG A 167 -0.77 -20.65 13.72
CA ARG A 167 -1.91 -21.43 14.18
C ARG A 167 -3.10 -20.51 14.49
N ARG A 168 -2.86 -19.46 15.27
CA ARG A 168 -3.94 -18.52 15.61
C ARG A 168 -4.53 -17.77 14.40
N LEU A 169 -3.70 -17.38 13.44
CA LEU A 169 -4.21 -16.79 12.23
C LEU A 169 -5.11 -17.76 11.47
N SER A 170 -4.80 -19.06 11.57
CA SER A 170 -5.56 -20.07 10.83
C SER A 170 -6.92 -20.26 11.50
N GLU A 171 -6.98 -20.10 12.82
CA GLU A 171 -8.28 -20.18 13.51
C GLU A 171 -9.21 -18.99 13.19
N LEU A 172 -8.64 -17.88 12.74
CA LEU A 172 -9.42 -16.70 12.48
C LEU A 172 -9.99 -16.74 11.06
N LEU A 173 -9.59 -17.74 10.26
CA LEU A 173 -10.05 -17.86 8.88
C LEU A 173 -11.48 -18.35 8.86
N ARG A 174 -12.24 -17.96 7.83
CA ARG A 174 -13.63 -18.30 7.71
C ARG A 174 -14.00 -18.63 6.26
N TYR A 175 -14.87 -19.61 6.07
CA TYR A 175 -15.22 -20.02 4.70
C TYR A 175 -16.67 -20.48 4.52
N HIS A 176 -17.23 -20.18 3.35
CA HIS A 176 -18.39 -20.95 2.87
C HIS A 176 -17.98 -22.39 2.52
N THR A 177 -18.91 -23.31 2.77
CA THR A 177 -18.74 -24.72 2.50
C THR A 177 -20.03 -25.32 2.04
N SER A 178 -19.95 -26.59 1.62
CA SER A 178 -21.11 -27.37 1.16
C SER A 178 -22.14 -27.54 2.28
N GLN A 179 -21.70 -27.31 3.51
CA GLN A 179 -22.52 -27.46 4.69
C GLN A 179 -23.10 -26.11 5.20
N SER A 180 -22.35 -25.03 5.06
CA SER A 180 -22.63 -23.80 5.78
C SER A 180 -23.57 -22.86 5.03
N GLY A 181 -23.75 -23.10 3.73
CA GLY A 181 -24.71 -22.34 2.93
C GLY A 181 -24.30 -20.91 2.69
N ASP A 182 -25.18 -19.97 3.09
CA ASP A 182 -24.92 -18.53 2.96
C ASP A 182 -23.96 -18.03 4.03
N GLU A 183 -23.90 -18.70 5.17
CA GLU A 183 -23.00 -18.26 6.25
C GLU A 183 -21.61 -18.89 6.14
N MET A 184 -20.63 -18.23 6.74
CA MET A 184 -19.30 -18.77 6.77
C MET A 184 -19.10 -19.64 8.00
N THR A 185 -18.02 -20.42 7.98
CA THR A 185 -17.69 -21.35 9.05
C THR A 185 -16.16 -21.33 9.22
N SER A 186 -15.66 -21.82 10.36
CA SER A 186 -14.23 -21.91 10.61
C SER A 186 -13.68 -23.32 10.29
N LEU A 187 -12.34 -23.42 10.14
CA LEU A 187 -11.66 -24.70 9.93
C LEU A 187 -11.87 -25.61 11.16
N SER A 188 -11.97 -24.99 12.34
CA SER A 188 -12.23 -25.70 13.57
C SER A 188 -13.65 -26.30 13.59
N GLU A 189 -14.61 -25.58 13.00
CA GLU A 189 -15.96 -26.09 12.84
C GLU A 189 -16.04 -27.25 11.83
N TYR A 190 -15.33 -27.10 10.71
CA TYR A 190 -15.16 -28.17 9.74
C TYR A 190 -14.65 -29.43 10.45
N VAL A 191 -13.69 -29.26 11.33
CA VAL A 191 -13.00 -30.40 11.92
C VAL A 191 -13.96 -31.18 12.79
N SER A 192 -14.75 -30.48 13.60
CA SER A 192 -15.77 -31.11 14.45
C SER A 192 -16.84 -31.84 13.63
N ARG A 193 -17.21 -31.32 12.46
CA ARG A 193 -18.16 -32.07 11.59
C ARG A 193 -17.54 -33.24 10.81
N MET A 194 -16.25 -33.49 10.97
CA MET A 194 -15.55 -34.53 10.21
C MET A 194 -15.97 -35.91 10.68
N LYS A 195 -16.06 -36.82 9.72
CA LYS A 195 -16.43 -38.20 10.01
C LYS A 195 -15.32 -38.87 10.81
N GLU A 196 -15.67 -39.80 11.68
CA GLU A 196 -14.68 -40.52 12.48
C GLU A 196 -13.45 -40.92 11.65
N THR A 197 -13.69 -41.58 10.52
CA THR A 197 -12.60 -42.04 9.66
C THR A 197 -12.03 -40.97 8.72
N GLN A 198 -12.72 -39.83 8.56
CA GLN A 198 -12.23 -38.77 7.66
C GLN A 198 -10.84 -38.30 8.07
N LYS A 199 -9.98 -38.10 7.07
CA LYS A 199 -8.57 -37.83 7.26
C LYS A 199 -8.13 -36.45 6.82
N SER A 200 -8.88 -35.85 5.88
CA SER A 200 -8.43 -34.65 5.20
C SER A 200 -9.51 -33.62 5.06
N ILE A 201 -9.07 -32.36 4.94
CA ILE A 201 -9.97 -31.25 4.76
C ILE A 201 -10.02 -30.99 3.27
N TYR A 202 -11.18 -31.22 2.65
CA TYR A 202 -11.30 -31.07 1.21
C TYR A 202 -11.64 -29.62 0.83
N TYR A 203 -11.06 -29.13 -0.26
CA TYR A 203 -11.36 -27.77 -0.73
C TYR A 203 -11.24 -27.72 -2.22
N ILE A 204 -11.78 -26.63 -2.79
CA ILE A 204 -11.51 -26.22 -4.16
C ILE A 204 -11.11 -24.74 -4.16
N THR A 205 -10.03 -24.39 -4.87
CA THR A 205 -9.60 -22.99 -5.16
C THR A 205 -9.63 -22.73 -6.66
N GLY A 206 -9.11 -21.57 -7.09
CA GLY A 206 -9.03 -21.20 -8.49
C GLY A 206 -10.37 -21.04 -9.20
N GLU A 207 -11.45 -20.81 -8.44
CA GLU A 207 -12.79 -20.76 -9.03
C GLU A 207 -13.71 -19.70 -8.36
N SER A 208 -14.34 -18.86 -9.19
CA SER A 208 -15.36 -17.91 -8.70
C SER A 208 -16.57 -18.65 -8.15
N LYS A 209 -17.48 -17.93 -7.50
CA LYS A 209 -18.73 -18.54 -7.03
C LYS A 209 -19.48 -19.31 -8.12
N GLU A 210 -19.46 -18.80 -9.36
CA GLU A 210 -20.19 -19.43 -10.46
C GLU A 210 -19.50 -20.73 -10.91
N GLN A 211 -18.18 -20.68 -10.98
CA GLN A 211 -17.40 -21.80 -11.46
C GLN A 211 -17.34 -22.95 -10.44
N VAL A 212 -17.29 -22.61 -9.14
CA VAL A 212 -17.26 -23.62 -8.08
C VAL A 212 -18.56 -24.41 -8.05
N ALA A 213 -19.68 -23.71 -8.22
CA ALA A 213 -20.99 -24.35 -8.13
C ALA A 213 -21.29 -25.19 -9.36
N ASN A 214 -20.54 -24.92 -10.43
CA ASN A 214 -20.67 -25.64 -11.68
C ASN A 214 -19.66 -26.79 -11.74
N SER A 215 -18.79 -26.90 -10.75
CA SER A 215 -17.72 -27.93 -10.78
C SER A 215 -18.24 -29.36 -10.52
N ALA A 216 -17.92 -30.25 -11.45
CA ALA A 216 -18.10 -31.69 -11.27
C ALA A 216 -17.20 -32.26 -10.15
N PHE A 217 -16.03 -31.64 -9.96
CA PHE A 217 -15.07 -32.14 -8.97
C PHE A 217 -15.56 -31.93 -7.53
N VAL A 218 -16.19 -30.80 -7.26
CA VAL A 218 -16.87 -30.60 -5.99
C VAL A 218 -17.93 -31.65 -5.81
N GLU A 219 -18.74 -31.88 -6.84
CA GLU A 219 -19.87 -32.82 -6.76
C GLU A 219 -19.41 -34.24 -6.47
N ARG A 220 -18.30 -34.69 -7.10
CA ARG A 220 -17.84 -36.07 -6.88
C ARG A 220 -17.56 -36.35 -5.41
N VAL A 221 -17.02 -35.35 -4.71
CA VAL A 221 -16.61 -35.49 -3.32
C VAL A 221 -17.82 -35.30 -2.40
N ARG A 222 -18.58 -34.23 -2.67
CA ARG A 222 -19.84 -33.96 -1.96
C ARG A 222 -20.79 -35.18 -1.97
N LYS A 223 -20.88 -35.82 -3.14
CA LYS A 223 -21.58 -37.09 -3.36
C LYS A 223 -21.32 -38.19 -2.31
N ARG A 224 -20.08 -38.27 -1.82
CA ARG A 224 -19.64 -39.31 -0.88
C ARG A 224 -19.89 -38.88 0.56
N GLY A 225 -20.38 -37.65 0.72
CA GLY A 225 -20.71 -37.10 2.03
C GLY A 225 -19.61 -36.31 2.72
N PHE A 226 -18.57 -35.90 1.99
CA PHE A 226 -17.53 -35.09 2.59
C PHE A 226 -17.86 -33.59 2.46
N GLU A 227 -17.61 -32.82 3.52
CA GLU A 227 -17.75 -31.38 3.43
C GLU A 227 -16.61 -30.81 2.57
N VAL A 228 -16.91 -29.83 1.73
CA VAL A 228 -15.92 -29.24 0.82
C VAL A 228 -15.85 -27.73 1.06
N VAL A 229 -14.66 -27.22 1.39
CA VAL A 229 -14.45 -25.82 1.69
C VAL A 229 -14.38 -25.01 0.39
N TYR A 230 -15.17 -23.94 0.32
CA TYR A 230 -15.24 -23.08 -0.87
C TYR A 230 -14.33 -21.87 -0.75
N MET A 231 -13.13 -21.98 -1.32
CA MET A 231 -12.16 -20.89 -1.31
C MET A 231 -12.20 -20.13 -2.63
N THR A 232 -12.92 -19.01 -2.69
CA THR A 232 -13.14 -18.29 -3.98
C THR A 232 -12.47 -16.90 -4.10
N GLU A 233 -11.47 -16.65 -3.24
CA GLU A 233 -10.63 -15.47 -3.34
C GLU A 233 -9.31 -15.86 -4.00
N PRO A 234 -8.81 -15.03 -4.93
CA PRO A 234 -7.53 -15.22 -5.65
C PRO A 234 -6.34 -15.68 -4.80
N ILE A 235 -6.15 -15.07 -3.65
CA ILE A 235 -5.12 -15.47 -2.71
C ILE A 235 -5.31 -16.90 -2.08
N ASP A 236 -6.47 -17.54 -2.27
CA ASP A 236 -6.70 -18.82 -1.59
C ASP A 236 -5.75 -19.97 -1.95
N GLU A 237 -5.28 -20.02 -3.19
CA GLU A 237 -4.33 -21.09 -3.58
C GLU A 237 -3.00 -20.88 -2.87
N TYR A 238 -2.62 -19.61 -2.75
CA TYR A 238 -1.38 -19.23 -2.07
C TYR A 238 -1.51 -19.55 -0.59
N CYS A 239 -2.68 -19.26 -0.02
CA CYS A 239 -2.88 -19.52 1.39
C CYS A 239 -2.83 -21.01 1.73
N VAL A 240 -3.55 -21.83 0.98
CA VAL A 240 -3.59 -23.25 1.27
C VAL A 240 -2.21 -23.90 1.07
N GLN A 241 -1.47 -23.42 0.09
CA GLN A 241 -0.12 -23.89 -0.20
C GLN A 241 0.84 -23.59 0.96
N GLN A 242 0.58 -22.54 1.74
CA GLN A 242 1.42 -22.24 2.91
C GLN A 242 0.89 -22.90 4.21
N LEU A 243 -0.42 -23.06 4.34
CA LEU A 243 -0.97 -23.64 5.55
C LEU A 243 -0.72 -25.15 5.53
N LYS A 244 -0.98 -25.78 4.40
CA LYS A 244 -0.77 -27.23 4.20
C LYS A 244 -1.74 -28.09 5.01
N GLU A 245 -1.81 -27.84 6.32
CA GLU A 245 -2.61 -28.65 7.22
C GLU A 245 -3.32 -27.76 8.23
N PHE A 246 -4.28 -28.33 8.96
CA PHE A 246 -4.94 -27.66 10.08
C PHE A 246 -5.26 -28.75 11.08
N ASP A 247 -4.78 -28.57 12.30
CA ASP A 247 -4.92 -29.58 13.34
C ASP A 247 -4.60 -30.99 12.87
N GLY A 248 -3.45 -31.11 12.20
CA GLY A 248 -2.93 -32.40 11.82
C GLY A 248 -3.57 -32.98 10.59
N LYS A 249 -4.65 -32.34 10.12
CA LYS A 249 -5.40 -32.80 8.96
C LYS A 249 -4.90 -32.06 7.76
N SER A 250 -4.49 -32.83 6.75
CA SER A 250 -3.96 -32.28 5.52
C SER A 250 -5.10 -31.64 4.74
N LEU A 251 -4.80 -30.53 4.07
CA LEU A 251 -5.71 -29.86 3.15
C LEU A 251 -5.60 -30.54 1.76
N VAL A 252 -6.74 -30.95 1.17
CA VAL A 252 -6.72 -31.67 -0.11
C VAL A 252 -7.67 -31.05 -1.15
N SER A 253 -7.13 -30.74 -2.33
CA SER A 253 -7.90 -30.18 -3.46
C SER A 253 -8.79 -31.25 -4.09
N VAL A 254 -10.08 -30.94 -4.26
CA VAL A 254 -11.05 -31.88 -4.86
C VAL A 254 -10.80 -32.07 -6.35
N THR A 255 -10.08 -31.13 -6.95
CA THR A 255 -9.67 -31.24 -8.33
C THR A 255 -8.45 -32.13 -8.56
N LYS A 256 -7.79 -32.61 -7.51
CA LYS A 256 -6.69 -33.57 -7.69
C LYS A 256 -7.21 -34.88 -8.24
N GLU A 257 -6.55 -35.40 -9.28
CA GLU A 257 -6.98 -36.65 -9.91
C GLU A 257 -6.69 -37.85 -8.99
N GLY A 258 -5.51 -37.85 -8.35
CA GLY A 258 -5.18 -38.88 -7.37
C GLY A 258 -5.87 -38.65 -6.03
N LEU A 259 -7.20 -38.63 -6.06
CA LEU A 259 -7.98 -38.50 -4.87
C LEU A 259 -8.58 -39.85 -4.57
N GLU A 260 -8.55 -40.20 -3.31
CA GLU A 260 -8.98 -41.49 -2.84
C GLU A 260 -10.00 -41.24 -1.73
N LEU A 261 -11.20 -41.74 -1.86
CA LEU A 261 -12.30 -41.30 -0.99
C LEU A 261 -12.86 -42.39 -0.07
N ALA A 262 -12.18 -43.53 0.01
CA ALA A 262 -12.68 -44.73 0.68
C ALA A 262 -12.77 -44.62 2.23
N GLU A 263 -13.79 -45.27 2.79
CA GLU A 263 -14.03 -45.30 4.23
C GLU A 263 -13.62 -46.65 4.80
N ASN A 264 -13.04 -47.50 3.95
CA ASN A 264 -13.18 -48.94 4.09
C ASN A 264 -12.27 -49.59 5.11
N LYS B 2 10.63 -31.08 -15.50
CA LYS B 2 9.84 -31.02 -16.78
C LYS B 2 10.73 -30.63 -17.97
N THR B 3 11.23 -29.40 -17.96
CA THR B 3 12.20 -28.94 -18.96
C THR B 3 13.36 -28.27 -18.18
N LYS B 4 14.43 -27.85 -18.87
CA LYS B 4 15.63 -27.32 -18.17
C LYS B 4 15.28 -26.12 -17.28
N PRO B 5 15.96 -25.98 -16.13
CA PRO B 5 15.54 -24.95 -15.18
C PRO B 5 15.71 -23.55 -15.73
N ILE B 6 14.86 -22.66 -15.24
CA ILE B 6 14.82 -21.27 -15.71
C ILE B 6 16.20 -20.60 -15.74
N TRP B 7 17.07 -20.99 -14.81
CA TRP B 7 18.35 -20.32 -14.68
C TRP B 7 19.36 -20.71 -15.75
N THR B 8 19.08 -21.81 -16.45
CA THR B 8 19.94 -22.32 -17.53
C THR B 8 19.53 -21.71 -18.88
N ARG B 9 18.40 -21.01 -18.91
CA ARG B 9 17.88 -20.42 -20.13
C ARG B 9 18.46 -19.04 -20.38
N ASN B 10 18.37 -18.60 -21.62
CA ASN B 10 18.87 -17.29 -22.02
C ASN B 10 17.99 -16.18 -21.42
N PRO B 11 18.60 -15.23 -20.71
CA PRO B 11 17.75 -14.17 -20.19
C PRO B 11 17.01 -13.40 -21.27
N ASP B 12 17.61 -13.32 -22.47
CA ASP B 12 16.96 -12.66 -23.60
C ASP B 12 15.48 -13.02 -23.63
N ASP B 13 15.20 -14.32 -23.74
CA ASP B 13 13.84 -14.80 -24.00
C ASP B 13 13.03 -15.27 -22.77
N ILE B 14 13.48 -14.95 -21.56
CA ILE B 14 12.66 -15.19 -20.35
C ILE B 14 11.89 -13.94 -20.04
N THR B 15 10.64 -14.10 -19.60
CA THR B 15 9.75 -12.96 -19.34
C THR B 15 9.81 -12.49 -17.88
N GLN B 16 9.44 -11.24 -17.63
CA GLN B 16 9.32 -10.77 -16.25
C GLN B 16 8.23 -11.54 -15.49
N GLU B 17 7.28 -12.13 -16.20
CA GLU B 17 6.23 -12.97 -15.59
C GLU B 17 6.80 -14.27 -15.02
N GLU B 18 7.49 -15.02 -15.89
CA GLU B 18 8.25 -16.22 -15.50
C GLU B 18 9.20 -15.98 -14.31
N TYR B 19 10.13 -15.06 -14.50
CA TYR B 19 11.02 -14.66 -13.42
C TYR B 19 10.25 -14.55 -12.14
N GLY B 20 9.10 -13.87 -12.18
CA GLY B 20 8.31 -13.66 -10.98
C GLY B 20 7.80 -14.95 -10.37
N GLU B 21 7.35 -15.88 -11.21
CA GLU B 21 6.82 -17.14 -10.73
C GLU B 21 7.93 -17.92 -10.09
N PHE B 22 9.13 -17.84 -10.66
CA PHE B 22 10.27 -18.55 -10.05
C PHE B 22 10.62 -17.90 -8.73
N TYR B 23 10.81 -16.58 -8.69
CA TYR B 23 11.09 -15.94 -7.44
C TYR B 23 10.09 -16.36 -6.36
N LYS B 24 8.80 -16.32 -6.71
CA LYS B 24 7.70 -16.64 -5.79
C LYS B 24 7.73 -18.07 -5.27
N SER B 25 8.10 -19.03 -6.13
CA SER B 25 8.22 -20.42 -5.69
C SER B 25 9.53 -20.62 -4.94
N LEU B 26 10.55 -19.85 -5.29
CA LEU B 26 11.79 -19.91 -4.56
C LEU B 26 11.61 -19.42 -3.10
N THR B 27 10.85 -18.34 -2.87
CA THR B 27 10.80 -17.68 -1.57
C THR B 27 9.47 -17.83 -0.82
N ASN B 28 8.45 -18.34 -1.47
CA ASN B 28 7.10 -18.40 -0.90
C ASN B 28 6.49 -17.04 -0.53
N ASP B 29 6.86 -15.95 -1.20
CA ASP B 29 6.10 -14.74 -0.90
C ASP B 29 5.11 -14.40 -1.98
N TRP B 30 4.12 -13.61 -1.56
CA TRP B 30 2.94 -13.34 -2.36
C TRP B 30 3.28 -12.31 -3.41
N GLU B 31 4.28 -11.50 -3.10
CA GLU B 31 4.72 -10.44 -3.99
C GLU B 31 5.80 -10.96 -4.90
N ASP B 32 5.84 -10.46 -6.13
CA ASP B 32 6.93 -10.75 -7.05
C ASP B 32 8.20 -9.95 -6.69
N HIS B 33 9.29 -10.29 -7.34
CA HIS B 33 10.55 -9.57 -7.18
C HIS B 33 10.48 -8.08 -7.55
N LEU B 34 11.45 -7.33 -7.04
CA LEU B 34 11.63 -5.91 -7.35
C LEU B 34 12.53 -5.76 -8.55
N ALA B 35 13.48 -6.66 -8.63
CA ALA B 35 14.60 -6.58 -9.58
C ALA B 35 15.23 -7.97 -9.66
N VAL B 36 15.71 -8.29 -10.86
CA VAL B 36 16.32 -9.58 -11.13
C VAL B 36 17.57 -9.31 -11.93
N LYS B 37 18.59 -10.11 -11.68
CA LYS B 37 19.84 -10.06 -12.45
C LYS B 37 20.22 -11.48 -12.74
N HIS B 38 20.40 -11.78 -14.01
CA HIS B 38 20.59 -13.14 -14.49
C HIS B 38 21.78 -13.13 -15.44
N PHE B 39 22.77 -13.98 -15.16
CA PHE B 39 24.04 -13.93 -15.84
C PHE B 39 24.81 -15.24 -15.78
N SER B 40 25.74 -15.38 -16.71
CA SER B 40 26.52 -16.60 -16.81
C SER B 40 27.95 -16.21 -16.67
N VAL B 41 28.78 -17.09 -16.13
CA VAL B 41 30.23 -16.96 -16.39
C VAL B 41 30.71 -18.17 -17.18
N GLU B 42 31.61 -17.92 -18.13
CA GLU B 42 32.04 -18.93 -19.09
C GLU B 42 33.52 -18.86 -19.49
N GLY B 43 33.97 -19.86 -20.24
CA GLY B 43 35.35 -19.97 -20.67
C GLY B 43 36.02 -21.12 -19.94
N GLN B 44 36.83 -20.82 -18.93
CA GLN B 44 37.60 -21.84 -18.20
C GLN B 44 36.94 -22.27 -16.91
N LEU B 45 35.93 -21.51 -16.53
CA LEU B 45 35.03 -21.88 -15.47
C LEU B 45 33.63 -21.61 -16.03
N GLU B 46 32.63 -22.25 -15.46
CA GLU B 46 31.30 -22.13 -15.99
C GLU B 46 30.24 -22.20 -14.88
N PHE B 47 29.55 -21.08 -14.66
CA PHE B 47 28.40 -21.11 -13.79
C PHE B 47 27.34 -20.17 -14.26
N ARG B 48 26.16 -20.33 -13.68
CA ARG B 48 25.06 -19.39 -13.88
C ARG B 48 24.44 -18.96 -12.55
N ALA B 49 24.02 -17.72 -12.44
CA ALA B 49 23.46 -17.21 -11.25
C ALA B 49 22.21 -16.49 -11.69
N LEU B 50 21.18 -16.56 -10.85
CA LEU B 50 19.92 -15.85 -11.03
C LEU B 50 19.54 -15.24 -9.71
N LEU B 51 19.54 -13.91 -9.67
CA LEU B 51 19.50 -13.24 -8.41
C LEU B 51 18.39 -12.21 -8.41
N PHE B 52 17.80 -12.00 -7.24
CA PHE B 52 16.60 -11.20 -7.13
C PHE B 52 16.74 -10.28 -5.93
N ILE B 53 16.32 -9.02 -6.07
CA ILE B 53 16.10 -8.14 -4.93
C ILE B 53 14.62 -8.26 -4.55
N PRO B 54 14.30 -8.62 -3.29
CA PRO B 54 12.91 -8.61 -2.84
C PRO B 54 12.39 -7.19 -2.67
N ARG B 55 11.06 -7.07 -2.60
CA ARG B 55 10.42 -5.78 -2.30
C ARG B 55 10.53 -5.37 -0.83
N ARG B 56 10.62 -6.34 0.07
CA ARG B 56 10.62 -6.07 1.48
C ARG B 56 11.92 -6.56 2.09
N ALA B 57 12.41 -5.80 3.06
CA ALA B 57 13.59 -6.17 3.84
C ALA B 57 13.11 -6.98 5.03
N PRO B 58 13.48 -8.27 5.10
CA PRO B 58 13.07 -9.02 6.29
C PRO B 58 13.98 -8.76 7.49
N ASN B 69 21.23 -17.89 4.62
CA ASN B 69 20.74 -19.01 3.82
C ASN B 69 19.85 -18.56 2.63
N ASN B 70 20.24 -17.45 2.01
CA ASN B 70 19.46 -16.80 0.94
C ASN B 70 19.70 -17.33 -0.50
N ILE B 71 20.89 -17.84 -0.77
CA ILE B 71 21.22 -18.31 -2.11
C ILE B 71 21.41 -19.80 -2.08
N LYS B 72 20.66 -20.51 -2.92
CA LYS B 72 20.82 -21.95 -3.10
C LYS B 72 21.99 -22.22 -4.04
N LEU B 73 22.78 -23.24 -3.74
CA LEU B 73 23.91 -23.61 -4.58
C LEU B 73 23.62 -24.96 -5.23
N TYR B 74 23.74 -25.00 -6.56
CA TYR B 74 23.58 -26.23 -7.32
C TYR B 74 24.88 -26.55 -8.01
N VAL B 75 25.12 -27.84 -8.19
CA VAL B 75 26.25 -28.29 -8.97
C VAL B 75 25.71 -29.20 -10.08
N ARG B 76 25.85 -28.72 -11.31
CA ARG B 76 25.36 -29.40 -12.50
C ARG B 76 23.87 -29.67 -12.40
N ARG B 77 23.15 -28.64 -11.97
CA ARG B 77 21.69 -28.67 -11.78
CA ARG B 77 21.69 -28.69 -11.80
C ARG B 77 21.21 -29.56 -10.62
N VAL B 78 22.11 -29.91 -9.71
CA VAL B 78 21.71 -30.67 -8.50
C VAL B 78 21.85 -29.81 -7.26
N PHE B 79 20.82 -29.74 -6.43
CA PHE B 79 20.89 -28.89 -5.26
C PHE B 79 21.89 -29.42 -4.23
N ILE B 80 22.77 -28.56 -3.71
CA ILE B 80 23.79 -28.95 -2.73
C ILE B 80 23.56 -28.38 -1.32
N MET B 81 23.12 -27.11 -1.23
CA MET B 81 22.94 -26.46 0.06
C MET B 81 22.39 -25.04 -0.13
N ASP B 82 21.50 -24.60 0.77
CA ASP B 82 21.18 -23.19 0.87
C ASP B 82 22.00 -22.50 1.96
N SER B 83 23.17 -23.06 2.29
CA SER B 83 23.86 -22.67 3.52
C SER B 83 25.29 -22.11 3.33
N CYS B 84 25.69 -21.85 2.09
CA CYS B 84 27.06 -21.43 1.81
C CYS B 84 27.33 -20.00 2.27
N ASP B 85 28.17 -19.85 3.30
CA ASP B 85 28.54 -18.52 3.84
C ASP B 85 29.17 -17.60 2.79
N GLU B 86 30.28 -18.05 2.22
CA GLU B 86 31.12 -17.19 1.38
C GLU B 86 30.70 -17.14 -0.11
N LEU B 87 29.45 -17.44 -0.45
CA LEU B 87 28.94 -17.10 -1.76
C LEU B 87 28.73 -15.59 -1.85
N ILE B 88 28.42 -14.97 -0.72
CA ILE B 88 28.02 -13.56 -0.75
C ILE B 88 28.37 -12.92 0.56
N PRO B 89 28.76 -11.62 0.57
CA PRO B 89 29.00 -10.91 1.84
C PRO B 89 27.73 -10.74 2.63
N GLU B 90 27.85 -10.56 3.94
CA GLU B 90 26.71 -10.47 4.80
C GLU B 90 25.82 -9.28 4.44
N TYR B 91 26.39 -8.15 4.04
CA TYR B 91 25.52 -6.99 3.76
C TYR B 91 24.60 -7.22 2.57
N LEU B 92 24.86 -8.26 1.78
CA LEU B 92 24.02 -8.61 0.65
C LEU B 92 23.15 -9.85 0.91
N ASN B 93 22.92 -10.19 2.18
CA ASN B 93 22.21 -11.43 2.50
C ASN B 93 20.72 -11.37 2.20
N PHE B 94 20.22 -10.16 1.95
CA PHE B 94 18.84 -9.96 1.48
C PHE B 94 18.59 -10.42 0.02
N ILE B 95 19.65 -10.57 -0.79
CA ILE B 95 19.51 -11.05 -2.16
C ILE B 95 19.11 -12.51 -2.13
N ARG B 96 18.21 -12.91 -3.02
CA ARG B 96 17.67 -14.30 -3.13
C ARG B 96 17.94 -14.85 -4.53
N GLY B 97 18.17 -16.14 -4.62
CA GLY B 97 18.47 -16.71 -5.93
C GLY B 97 19.13 -18.06 -5.84
N VAL B 98 19.78 -18.42 -6.95
CA VAL B 98 20.43 -19.70 -7.15
C VAL B 98 21.69 -19.51 -7.97
N VAL B 99 22.72 -20.28 -7.63
CA VAL B 99 23.97 -20.34 -8.37
C VAL B 99 24.20 -21.78 -8.75
N ASP B 100 24.45 -22.00 -10.04
CA ASP B 100 24.67 -23.32 -10.63
C ASP B 100 26.03 -23.39 -11.32
N SER B 101 26.86 -24.30 -10.82
CA SER B 101 28.25 -24.37 -11.18
C SER B 101 28.49 -25.67 -11.88
N GLU B 102 29.24 -25.61 -12.98
CA GLU B 102 29.53 -26.83 -13.73
C GLU B 102 30.74 -27.57 -13.18
N ASP B 103 31.61 -26.88 -12.45
CA ASP B 103 32.96 -27.40 -12.22
C ASP B 103 33.20 -27.95 -10.83
N LEU B 104 32.46 -27.44 -9.84
CA LEU B 104 32.62 -27.93 -8.48
C LEU B 104 32.41 -29.44 -8.42
N PRO B 105 33.07 -30.11 -7.48
CA PRO B 105 32.73 -31.51 -7.20
C PRO B 105 31.35 -31.59 -6.52
N LEU B 106 30.73 -32.76 -6.51
CA LEU B 106 29.45 -32.94 -5.81
C LEU B 106 29.65 -33.52 -4.40
N ASN B 107 30.91 -33.71 -4.00
CA ASN B 107 31.28 -34.46 -2.79
C ASN B 107 30.63 -33.96 -1.51
N GLU B 111 32.14 -29.59 2.73
CA GLU B 111 31.60 -28.43 3.43
C GLU B 111 32.71 -27.47 3.87
N MET B 112 33.81 -28.05 4.37
CA MET B 112 34.97 -27.29 4.86
C MET B 112 35.87 -26.89 3.70
N LEU B 113 35.86 -27.71 2.65
CA LEU B 113 36.65 -27.46 1.44
C LEU B 113 36.10 -26.29 0.65
N GLN B 114 35.64 -25.26 1.35
CA GLN B 114 35.34 -23.95 0.77
C GLN B 114 36.45 -22.96 1.18
N GLN B 115 37.69 -23.45 1.14
CA GLN B 115 38.86 -22.59 1.00
C GLN B 115 39.11 -22.43 -0.50
N SER B 116 38.12 -22.78 -1.33
CA SER B 116 38.34 -23.07 -2.73
C SER B 116 38.34 -21.81 -3.56
N LYS B 117 39.12 -21.84 -4.63
CA LYS B 117 39.28 -20.71 -5.53
C LYS B 117 38.03 -20.52 -6.37
N ILE B 118 37.26 -21.57 -6.57
CA ILE B 118 36.04 -21.47 -7.36
C ILE B 118 35.00 -20.64 -6.62
N LEU B 119 34.76 -20.96 -5.35
CA LEU B 119 33.80 -20.21 -4.56
C LEU B 119 34.21 -18.76 -4.48
N LYS B 120 35.52 -18.51 -4.47
CA LYS B 120 36.01 -17.13 -4.48
C LYS B 120 35.65 -16.39 -5.75
N VAL B 121 35.86 -17.02 -6.91
CA VAL B 121 35.50 -16.39 -8.17
C VAL B 121 33.99 -16.22 -8.28
N ILE B 122 33.22 -17.19 -7.82
CA ILE B 122 31.77 -17.04 -7.83
C ILE B 122 31.33 -15.83 -7.00
N ARG B 123 31.94 -15.66 -5.83
CA ARG B 123 31.63 -14.55 -4.94
C ARG B 123 31.83 -13.18 -5.58
N LYS B 124 32.99 -12.98 -6.23
CA LYS B 124 33.33 -11.66 -6.78
C LYS B 124 32.42 -11.31 -7.93
N ASN B 125 32.04 -12.33 -8.68
CA ASN B 125 31.17 -12.17 -9.82
C ASN B 125 29.77 -11.80 -9.31
N ILE B 126 29.34 -12.43 -8.23
CA ILE B 126 28.04 -12.14 -7.64
C ILE B 126 27.91 -10.72 -7.05
N VAL B 127 28.97 -10.27 -6.39
CA VAL B 127 28.98 -8.95 -5.81
C VAL B 127 29.03 -7.94 -6.95
N LYS B 128 29.94 -8.14 -7.90
CA LYS B 128 30.03 -7.28 -9.08
C LYS B 128 28.67 -7.07 -9.76
N LYS B 129 27.95 -8.14 -10.01
CA LYS B 129 26.69 -8.02 -10.74
C LYS B 129 25.54 -7.46 -9.87
N CYS B 130 25.65 -7.62 -8.56
CA CYS B 130 24.74 -6.92 -7.63
C CYS B 130 24.96 -5.44 -7.64
N LEU B 131 26.22 -5.01 -7.58
CA LEU B 131 26.57 -3.60 -7.66
C LEU B 131 26.06 -3.03 -8.97
N GLU B 132 26.32 -3.75 -10.04
CA GLU B 132 25.83 -3.39 -11.36
C GLU B 132 24.30 -3.25 -11.44
N LEU B 133 23.57 -4.29 -11.08
CA LEU B 133 22.14 -4.17 -10.95
C LEU B 133 21.76 -2.84 -10.24
N PHE B 134 22.33 -2.61 -9.06
CA PHE B 134 21.98 -1.41 -8.28
C PHE B 134 22.20 -0.12 -9.10
N SER B 135 23.26 -0.11 -9.93
CA SER B 135 23.58 1.05 -10.76
C SER B 135 22.57 1.24 -11.86
N GLU B 136 22.03 0.15 -12.37
CA GLU B 136 21.02 0.19 -13.38
C GLU B 136 19.69 0.67 -12.79
N LEU B 137 19.25 0.00 -11.73
CA LEU B 137 18.05 0.40 -10.99
C LEU B 137 18.07 1.89 -10.73
N ALA B 138 19.22 2.42 -10.30
CA ALA B 138 19.40 3.85 -10.04
C ALA B 138 19.13 4.77 -11.26
N GLU B 139 18.67 4.19 -12.38
CA GLU B 139 18.35 4.98 -13.58
C GLU B 139 16.83 5.18 -13.83
N ASP B 140 16.02 4.29 -13.28
CA ASP B 140 14.58 4.51 -13.11
C ASP B 140 14.37 5.03 -11.68
N LYS B 141 14.22 6.35 -11.54
CA LYS B 141 14.20 6.95 -10.20
C LYS B 141 13.05 6.45 -9.32
N GLU B 142 11.99 5.93 -9.93
CA GLU B 142 10.84 5.42 -9.18
C GLU B 142 11.15 4.12 -8.44
N ASN B 143 11.89 3.21 -9.08
CA ASN B 143 12.16 1.89 -8.48
C ASN B 143 13.38 1.88 -7.57
N TYR B 144 14.29 2.85 -7.78
CA TYR B 144 15.44 3.04 -6.87
C TYR B 144 14.97 3.60 -5.53
N LYS B 145 13.88 4.34 -5.52
CA LYS B 145 13.31 4.78 -4.26
C LYS B 145 12.78 3.56 -3.49
N LYS B 146 12.12 2.65 -4.19
CA LYS B 146 11.62 1.41 -3.56
C LYS B 146 12.77 0.58 -3.00
N PHE B 147 13.86 0.54 -3.76
CA PHE B 147 15.09 -0.12 -3.35
C PHE B 147 15.71 0.54 -2.14
N TYR B 148 16.01 1.82 -2.29
CA TYR B 148 16.66 2.58 -1.26
C TYR B 148 15.85 2.55 0.05
N GLU B 149 14.55 2.84 -0.02
CA GLU B 149 13.73 2.78 1.19
C GLU B 149 13.89 1.43 1.91
N ALA B 150 14.03 0.36 1.13
CA ALA B 150 14.09 -0.99 1.68
C ALA B 150 15.47 -1.40 2.22
N PHE B 151 16.56 -1.03 1.54
CA PHE B 151 17.86 -1.65 1.77
C PHE B 151 19.07 -0.73 2.00
N SER B 152 18.86 0.59 2.10
CA SER B 152 20.00 1.53 2.36
C SER B 152 20.85 1.13 3.54
N LYS B 153 20.22 0.69 4.62
CA LYS B 153 20.98 0.22 5.76
C LYS B 153 22.09 -0.72 5.19
N ASN B 154 21.70 -1.68 4.34
CA ASN B 154 22.67 -2.62 3.76
C ASN B 154 23.80 -2.02 2.95
N LEU B 155 23.54 -0.99 2.15
CA LEU B 155 24.63 -0.36 1.40
C LEU B 155 25.63 0.27 2.34
N LYS B 156 25.06 0.85 3.39
CA LYS B 156 25.84 1.50 4.42
C LYS B 156 26.63 0.48 5.20
N LEU B 157 26.04 -0.66 5.54
CA LEU B 157 26.83 -1.74 6.16
C LEU B 157 28.00 -2.08 5.27
N GLY B 158 27.72 -2.13 3.98
CA GLY B 158 28.72 -2.44 2.98
C GLY B 158 29.87 -1.46 3.02
N ILE B 159 29.55 -0.16 3.08
CA ILE B 159 30.57 0.87 3.18
C ILE B 159 31.58 0.55 4.30
N HIS B 160 31.09 0.04 5.42
CA HIS B 160 31.96 -0.45 6.50
C HIS B 160 32.64 -1.79 6.29
N GLU B 161 31.99 -2.72 5.61
CA GLU B 161 32.45 -4.11 5.62
C GLU B 161 33.10 -4.55 4.30
N ASP B 162 33.08 -3.68 3.29
CA ASP B 162 33.63 -3.97 1.97
C ASP B 162 34.45 -2.76 1.46
N SER B 163 35.74 -2.73 1.81
CA SER B 163 36.62 -1.60 1.44
C SER B 163 36.87 -1.53 -0.08
N THR B 164 36.92 -2.70 -0.72
CA THR B 164 37.12 -2.80 -2.18
C THR B 164 36.04 -2.09 -2.95
N ASN B 165 34.79 -2.23 -2.52
CA ASN B 165 33.65 -1.59 -3.19
C ASN B 165 33.05 -0.33 -2.50
N ARG B 166 33.72 0.18 -1.47
CA ARG B 166 33.24 1.37 -0.71
C ARG B 166 32.90 2.55 -1.62
N ARG B 167 33.69 2.76 -2.65
CA ARG B 167 33.48 3.90 -3.54
C ARG B 167 32.22 3.75 -4.40
N ARG B 168 32.06 2.59 -5.02
CA ARG B 168 30.87 2.35 -5.82
C ARG B 168 29.64 2.39 -4.92
N LEU B 169 29.76 1.84 -3.72
CA LEU B 169 28.68 1.91 -2.75
C LEU B 169 28.35 3.37 -2.40
N SER B 170 29.39 4.18 -2.16
CA SER B 170 29.19 5.55 -1.72
C SER B 170 28.39 6.39 -2.75
N GLU B 171 28.45 6.02 -4.01
CA GLU B 171 27.72 6.70 -5.06
C GLU B 171 26.27 6.24 -5.18
N LEU B 172 25.88 5.22 -4.43
CA LEU B 172 24.49 4.76 -4.41
C LEU B 172 23.71 5.48 -3.32
N LEU B 173 24.42 6.30 -2.53
CA LEU B 173 23.83 6.90 -1.35
C LEU B 173 22.97 8.06 -1.76
N ARG B 174 21.95 8.29 -0.96
CA ARG B 174 20.97 9.31 -1.28
C ARG B 174 20.46 9.90 0.03
N TYR B 175 20.33 11.22 0.04
CA TYR B 175 19.94 11.90 1.24
C TYR B 175 19.04 13.04 0.93
N HIS B 176 18.29 13.47 1.93
CA HIS B 176 17.67 14.78 1.88
C HIS B 176 18.77 15.72 2.33
N THR B 177 18.86 16.84 1.64
CA THR B 177 19.76 17.91 2.02
C THR B 177 18.93 19.19 2.17
N SER B 178 19.57 20.22 2.70
CA SER B 178 18.96 21.53 2.87
C SER B 178 18.55 22.18 1.54
N GLN B 179 18.96 21.57 0.41
CA GLN B 179 18.68 22.15 -0.89
C GLN B 179 18.01 21.19 -1.88
N SER B 180 17.73 19.96 -1.43
CA SER B 180 17.12 18.95 -2.30
C SER B 180 15.63 19.21 -2.49
N GLY B 181 14.93 19.46 -1.39
CA GLY B 181 13.48 19.54 -1.39
C GLY B 181 12.94 18.23 -0.86
N ASP B 182 11.65 17.98 -1.07
CA ASP B 182 11.08 16.68 -0.67
C ASP B 182 11.89 15.50 -1.21
N GLU B 183 12.78 15.75 -2.17
CA GLU B 183 13.56 14.68 -2.83
C GLU B 183 14.84 14.30 -2.09
N MET B 184 15.36 13.12 -2.43
CA MET B 184 16.71 12.70 -2.06
C MET B 184 17.67 13.15 -3.17
N THR B 185 18.92 13.42 -2.79
CA THR B 185 19.97 13.77 -3.75
C THR B 185 21.16 12.84 -3.52
N SER B 186 22.05 12.75 -4.49
CA SER B 186 23.31 11.99 -4.31
C SER B 186 24.43 12.87 -3.73
N LEU B 187 25.59 12.27 -3.45
CA LEU B 187 26.78 13.05 -3.04
C LEU B 187 27.52 13.69 -4.23
N SER B 188 27.35 13.07 -5.40
CA SER B 188 27.99 13.52 -6.61
C SER B 188 27.34 14.85 -7.05
N GLU B 189 26.03 14.93 -6.83
CA GLU B 189 25.26 16.10 -7.17
C GLU B 189 25.53 17.22 -6.17
N TYR B 190 25.49 16.88 -4.88
CA TYR B 190 25.97 17.77 -3.86
C TYR B 190 27.27 18.44 -4.32
N VAL B 191 28.26 17.62 -4.66
CA VAL B 191 29.58 18.14 -5.06
C VAL B 191 29.54 19.13 -6.20
N SER B 192 28.72 18.86 -7.21
CA SER B 192 28.64 19.76 -8.39
C SER B 192 27.98 21.07 -8.01
N ARG B 193 27.19 21.07 -6.94
CA ARG B 193 26.59 22.27 -6.40
C ARG B 193 27.46 23.00 -5.35
N MET B 194 28.60 22.44 -4.99
CA MET B 194 29.48 23.11 -4.01
C MET B 194 29.97 24.45 -4.54
N LYS B 195 30.34 25.35 -3.64
CA LYS B 195 30.97 26.62 -4.03
C LYS B 195 32.46 26.41 -4.29
N GLU B 196 33.05 27.36 -4.99
CA GLU B 196 34.45 27.27 -5.39
C GLU B 196 35.34 27.09 -4.16
N THR B 197 35.12 27.94 -3.17
CA THR B 197 35.91 27.92 -1.95
C THR B 197 35.31 27.04 -0.84
N GLN B 198 34.31 26.23 -1.17
CA GLN B 198 33.78 25.25 -0.22
C GLN B 198 34.71 24.06 -0.19
N LYS B 199 35.24 23.74 0.99
CA LYS B 199 36.22 22.70 1.14
C LYS B 199 35.59 21.38 1.59
N SER B 200 34.44 21.45 2.24
CA SER B 200 33.89 20.30 2.95
C SER B 200 32.48 19.92 2.49
N ILE B 201 32.06 18.68 2.75
CA ILE B 201 30.64 18.26 2.65
C ILE B 201 30.04 18.29 4.03
N TYR B 202 29.06 19.16 4.25
CA TYR B 202 28.53 19.40 5.58
C TYR B 202 27.32 18.51 5.79
N TYR B 203 27.19 17.91 6.97
CA TYR B 203 26.09 16.92 7.22
C TYR B 203 25.65 17.03 8.66
N ILE B 204 24.53 16.41 8.99
CA ILE B 204 24.09 16.38 10.38
C ILE B 204 23.42 15.04 10.62
N THR B 205 23.63 14.48 11.80
CA THR B 205 22.98 13.25 12.20
C THR B 205 22.02 13.58 13.32
N GLY B 206 20.81 13.04 13.23
CA GLY B 206 19.78 13.19 14.28
C GLY B 206 18.65 12.21 14.01
N GLU B 207 17.43 12.59 14.43
CA GLU B 207 16.26 11.67 14.45
C GLU B 207 15.30 11.74 13.25
N SER B 208 15.32 12.83 12.51
CA SER B 208 14.36 13.03 11.45
C SER B 208 14.74 14.26 10.69
N LYS B 209 14.23 14.39 9.47
CA LYS B 209 14.50 15.59 8.68
C LYS B 209 14.01 16.85 9.40
N GLU B 210 12.68 16.94 9.56
CA GLU B 210 12.02 18.06 10.25
C GLU B 210 12.74 18.56 11.53
N GLN B 211 13.21 17.62 12.35
CA GLN B 211 13.91 17.98 13.57
C GLN B 211 15.30 18.61 13.31
N VAL B 212 16.03 18.06 12.34
CA VAL B 212 17.35 18.62 11.92
C VAL B 212 17.24 19.83 10.98
N ALA B 213 16.22 19.84 10.10
CA ALA B 213 16.03 20.91 9.09
C ALA B 213 15.94 22.32 9.66
N ASN B 214 15.47 22.42 10.88
CA ASN B 214 15.26 23.71 11.51
C ASN B 214 15.98 23.72 12.83
N SER B 215 17.19 23.15 12.81
CA SER B 215 18.09 23.21 13.95
CA SER B 215 18.09 23.20 13.95
C SER B 215 18.97 24.43 13.78
N ALA B 216 19.30 25.07 14.90
CA ALA B 216 20.22 26.19 14.91
C ALA B 216 21.59 25.83 14.26
N PHE B 217 21.90 24.55 14.16
CA PHE B 217 23.15 24.08 13.58
C PHE B 217 23.12 24.08 12.07
N VAL B 218 22.02 23.64 11.51
CA VAL B 218 21.86 23.64 10.07
C VAL B 218 21.73 25.07 9.54
N GLU B 219 20.94 25.91 10.22
CA GLU B 219 20.69 27.30 9.79
C GLU B 219 21.96 28.16 9.69
N ARG B 220 22.89 27.94 10.62
CA ARG B 220 24.22 28.51 10.54
C ARG B 220 24.84 28.28 9.18
N VAL B 221 24.88 27.02 8.78
CA VAL B 221 25.62 26.59 7.61
C VAL B 221 24.87 26.95 6.35
N ARG B 222 23.57 26.75 6.35
CA ARG B 222 22.73 27.18 5.19
C ARG B 222 22.79 28.71 4.98
N LYS B 223 22.90 29.49 6.05
CA LYS B 223 23.01 30.96 5.94
C LYS B 223 24.28 31.38 5.20
N ARG B 224 25.31 30.55 5.28
CA ARG B 224 26.59 30.82 4.63
C ARG B 224 26.65 30.34 3.16
N GLY B 225 25.55 29.82 2.63
CA GLY B 225 25.52 29.34 1.24
C GLY B 225 25.98 27.89 1.08
N PHE B 226 26.16 27.18 2.18
CA PHE B 226 26.58 25.78 2.11
C PHE B 226 25.39 24.81 2.27
N GLU B 227 25.35 23.84 1.39
CA GLU B 227 24.38 22.81 1.47
C GLU B 227 24.72 21.83 2.62
N VAL B 228 23.69 21.39 3.35
CA VAL B 228 23.85 20.45 4.45
C VAL B 228 23.08 19.14 4.15
N VAL B 229 23.78 18.03 4.28
CA VAL B 229 23.21 16.69 4.04
C VAL B 229 22.48 16.23 5.30
N TYR B 230 21.23 15.77 5.18
CA TYR B 230 20.46 15.34 6.36
C TYR B 230 20.55 13.82 6.52
N MET B 231 21.17 13.36 7.62
CA MET B 231 21.47 11.95 7.80
C MET B 231 20.69 11.39 8.96
N THR B 232 19.50 10.87 8.69
CA THR B 232 18.58 10.63 9.78
C THR B 232 18.12 9.19 9.91
N GLU B 233 19.04 8.25 9.73
CA GLU B 233 18.79 6.86 10.11
C GLU B 233 19.79 6.52 11.20
N PRO B 234 19.46 5.56 12.07
CA PRO B 234 20.44 5.20 13.10
C PRO B 234 21.85 4.80 12.60
N ILE B 235 21.95 4.23 11.40
CA ILE B 235 23.22 3.64 10.90
C ILE B 235 24.15 4.71 10.30
N ASP B 236 23.60 5.92 10.11
CA ASP B 236 24.32 7.01 9.49
C ASP B 236 25.55 7.41 10.31
N GLU B 237 25.44 7.28 11.62
CA GLU B 237 26.50 7.67 12.55
C GLU B 237 27.77 6.84 12.36
N TYR B 238 27.60 5.55 12.15
CA TYR B 238 28.76 4.66 11.98
C TYR B 238 29.21 4.69 10.53
N CYS B 239 28.28 4.98 9.61
CA CYS B 239 28.60 5.08 8.21
C CYS B 239 29.50 6.29 7.82
N VAL B 240 29.12 7.49 8.23
CA VAL B 240 29.95 8.64 7.98
C VAL B 240 31.39 8.50 8.58
N GLN B 241 31.58 7.72 9.65
CA GLN B 241 32.89 7.56 10.31
C GLN B 241 33.85 6.68 9.52
N GLN B 242 33.27 5.81 8.74
CA GLN B 242 33.98 4.98 7.80
C GLN B 242 34.02 5.63 6.43
N LEU B 243 33.06 6.46 6.09
CA LEU B 243 33.09 7.07 4.76
C LEU B 243 34.19 8.17 4.76
N LYS B 244 34.15 9.03 5.77
CA LYS B 244 35.15 10.12 6.03
C LYS B 244 35.26 11.21 4.94
N GLU B 245 35.37 10.80 3.69
CA GLU B 245 35.38 11.71 2.60
C GLU B 245 34.73 11.15 1.36
N PHE B 246 34.37 12.04 0.47
CA PHE B 246 33.83 11.68 -0.84
C PHE B 246 34.46 12.63 -1.85
N ASP B 247 35.02 12.04 -2.91
CA ASP B 247 35.63 12.79 -3.99
C ASP B 247 36.69 13.76 -3.48
N GLY B 248 37.48 13.36 -2.47
CA GLY B 248 38.51 14.24 -1.91
C GLY B 248 38.04 15.30 -0.91
N LYS B 249 36.74 15.34 -0.62
CA LYS B 249 36.12 16.36 0.27
C LYS B 249 35.79 15.77 1.62
N SER B 250 36.39 16.29 2.69
CA SER B 250 36.07 15.77 4.00
C SER B 250 34.58 16.01 4.35
N LEU B 251 34.01 15.04 5.05
CA LEU B 251 32.69 15.14 5.61
C LEU B 251 32.79 15.75 7.00
N VAL B 252 32.16 16.90 7.23
CA VAL B 252 32.21 17.59 8.53
C VAL B 252 30.78 17.69 9.14
N SER B 253 30.67 17.41 10.44
CA SER B 253 29.41 17.58 11.15
C SER B 253 29.13 19.07 11.39
N VAL B 254 27.91 19.54 11.10
CA VAL B 254 27.53 20.96 11.42
C VAL B 254 27.35 21.19 12.91
N THR B 255 27.17 20.11 13.68
CA THR B 255 27.05 20.22 15.12
C THR B 255 28.41 20.33 15.79
N LYS B 256 29.46 20.29 14.98
CA LYS B 256 30.80 20.53 15.43
C LYS B 256 30.94 21.96 15.95
N GLU B 257 31.55 22.07 17.12
CA GLU B 257 31.65 23.36 17.79
C GLU B 257 32.92 24.09 17.29
N GLY B 258 33.95 23.32 16.92
CA GLY B 258 35.15 23.85 16.26
C GLY B 258 34.96 23.87 14.77
N LEU B 259 33.93 24.56 14.33
CA LEU B 259 33.53 24.59 12.94
C LEU B 259 33.83 25.99 12.41
N GLU B 260 34.54 26.06 11.29
CA GLU B 260 34.94 27.35 10.73
C GLU B 260 34.33 27.45 9.36
N LEU B 261 33.56 28.51 9.10
CA LEU B 261 32.80 28.65 7.84
C LEU B 261 33.15 29.92 7.06
N ALA B 262 34.20 30.61 7.48
CA ALA B 262 34.55 31.90 6.86
C ALA B 262 35.29 31.63 5.55
N GLU B 263 35.05 32.47 4.55
CA GLU B 263 35.60 32.27 3.19
C GLU B 263 36.70 33.26 2.79
N ASN B 264 37.19 34.04 3.76
CA ASN B 264 38.20 35.07 3.50
C ASN B 264 39.56 34.88 4.20
N LEU B 265 39.85 33.69 4.71
CA LEU B 265 41.02 33.50 5.58
C LEU B 265 42.35 33.40 4.80
N THR C 3 -28.78 -13.00 -29.27
CA THR C 3 -27.38 -13.37 -29.64
C THR C 3 -26.40 -12.38 -29.03
N LYS C 4 -26.08 -11.31 -29.78
CA LYS C 4 -25.11 -10.31 -29.33
C LYS C 4 -25.65 -9.44 -28.19
N PRO C 5 -25.01 -9.54 -27.00
CA PRO C 5 -25.42 -8.68 -25.88
C PRO C 5 -25.22 -7.20 -26.14
N ILE C 6 -25.94 -6.40 -25.40
CA ILE C 6 -26.03 -4.97 -25.66
C ILE C 6 -24.74 -4.23 -25.46
N TRP C 7 -23.87 -4.69 -24.56
CA TRP C 7 -22.62 -3.95 -24.37
C TRP C 7 -21.74 -4.04 -25.60
N THR C 8 -21.90 -5.12 -26.35
CA THR C 8 -21.08 -5.39 -27.53
C THR C 8 -21.47 -4.62 -28.79
N ARG C 9 -22.60 -3.92 -28.75
CA ARG C 9 -23.14 -3.23 -29.92
C ARG C 9 -22.65 -1.82 -29.86
N ASN C 10 -22.78 -1.11 -30.97
CA ASN C 10 -22.26 0.23 -31.09
C ASN C 10 -23.25 1.20 -30.47
N PRO C 11 -22.76 2.11 -29.62
CA PRO C 11 -23.61 3.10 -28.95
C PRO C 11 -24.53 3.86 -29.88
N ASP C 12 -24.06 4.17 -31.09
CA ASP C 12 -24.81 4.98 -32.06
C ASP C 12 -26.13 4.32 -32.42
N ASP C 13 -26.09 2.99 -32.44
CA ASP C 13 -27.20 2.21 -32.90
C ASP C 13 -28.20 1.87 -31.81
N ILE C 14 -27.86 2.14 -30.55
CA ILE C 14 -28.71 1.76 -29.40
C ILE C 14 -29.54 2.95 -28.93
N THR C 15 -30.85 2.75 -28.76
CA THR C 15 -31.78 3.84 -28.25
C THR C 15 -31.71 3.94 -26.74
N GLN C 16 -32.22 5.04 -26.17
CA GLN C 16 -32.19 5.18 -24.72
C GLN C 16 -33.14 4.22 -24.03
N GLU C 17 -34.25 3.92 -24.68
CA GLU C 17 -35.19 2.99 -24.11
C GLU C 17 -34.57 1.62 -23.88
N GLU C 18 -33.68 1.23 -24.77
CA GLU C 18 -32.97 -0.04 -24.65
C GLU C 18 -31.96 -0.02 -23.50
N TYR C 19 -31.24 1.08 -23.35
CA TYR C 19 -30.33 1.20 -22.21
C TYR C 19 -31.17 1.13 -20.93
N GLY C 20 -32.35 1.78 -20.94
CA GLY C 20 -33.28 1.76 -19.78
C GLY C 20 -33.92 0.43 -19.46
N GLU C 21 -34.19 -0.36 -20.48
CA GLU C 21 -34.74 -1.69 -20.31
C GLU C 21 -33.64 -2.62 -19.87
N PHE C 22 -32.43 -2.41 -20.39
CA PHE C 22 -31.30 -3.18 -19.95
C PHE C 22 -30.93 -2.87 -18.52
N TYR C 23 -30.89 -1.59 -18.19
CA TYR C 23 -30.57 -1.22 -16.82
C TYR C 23 -31.52 -1.82 -15.83
N LYS C 24 -32.80 -1.83 -16.16
CA LYS C 24 -33.84 -2.37 -15.27
C LYS C 24 -33.75 -3.88 -15.16
N SER C 25 -33.45 -4.55 -16.27
CA SER C 25 -33.37 -6.02 -16.25
C SER C 25 -32.08 -6.47 -15.56
N LEU C 26 -31.00 -5.73 -15.80
CA LEU C 26 -29.75 -5.93 -15.06
C LEU C 26 -29.96 -5.85 -13.55
N THR C 27 -30.55 -4.73 -13.09
CA THR C 27 -30.56 -4.35 -11.65
C THR C 27 -31.85 -4.61 -10.88
N ASN C 28 -32.94 -4.86 -11.58
CA ASN C 28 -34.26 -5.05 -10.96
C ASN C 28 -34.92 -3.83 -10.29
N ASP C 29 -34.58 -2.60 -10.67
CA ASP C 29 -35.39 -1.47 -10.18
C ASP C 29 -36.41 -1.01 -11.21
N TRP C 30 -37.33 -0.17 -10.77
CA TRP C 30 -38.56 0.11 -11.50
C TRP C 30 -38.48 1.38 -12.35
N GLU C 31 -37.70 2.37 -11.90
CA GLU C 31 -37.41 3.54 -12.73
C GLU C 31 -36.25 3.20 -13.65
N ASP C 32 -36.02 4.05 -14.65
CA ASP C 32 -34.85 3.85 -15.50
C ASP C 32 -33.71 4.75 -15.04
N HIS C 33 -32.54 4.39 -15.54
CA HIS C 33 -31.30 5.08 -15.28
C HIS C 33 -31.38 6.58 -15.53
N LEU C 34 -30.53 7.31 -14.81
CA LEU C 34 -30.39 8.74 -14.97
C LEU C 34 -29.45 9.16 -16.10
N ALA C 35 -28.34 8.41 -16.27
CA ALA C 35 -27.36 8.68 -17.30
C ALA C 35 -26.65 7.38 -17.68
N VAL C 36 -26.08 7.33 -18.88
CA VAL C 36 -25.31 6.17 -19.33
C VAL C 36 -24.06 6.62 -20.04
N LYS C 37 -23.04 5.78 -19.98
CA LYS C 37 -21.80 5.97 -20.67
C LYS C 37 -21.39 4.59 -21.12
N HIS C 38 -21.06 4.48 -22.38
CA HIS C 38 -20.85 3.20 -23.03
C HIS C 38 -19.65 3.30 -23.95
N PHE C 39 -18.59 2.56 -23.65
CA PHE C 39 -17.31 2.76 -24.32
C PHE C 39 -16.52 1.49 -24.38
N SER C 40 -15.61 1.47 -25.34
CA SER C 40 -14.67 0.39 -25.49
C SER C 40 -13.29 1.00 -25.51
N VAL C 41 -12.34 0.21 -25.04
CA VAL C 41 -10.92 0.49 -25.14
C VAL C 41 -10.35 -0.63 -26.02
N GLU C 42 -9.36 -0.32 -26.84
CA GLU C 42 -8.81 -1.28 -27.82
C GLU C 42 -7.31 -1.12 -28.04
N GLY C 43 -6.74 -2.10 -28.74
CA GLY C 43 -5.37 -2.02 -29.21
C GLY C 43 -4.54 -3.05 -28.49
N GLN C 44 -3.82 -2.63 -27.46
CA GLN C 44 -3.01 -3.56 -26.67
C GLN C 44 -3.80 -4.15 -25.51
N LEU C 45 -4.94 -3.54 -25.22
CA LEU C 45 -5.95 -4.13 -24.34
C LEU C 45 -7.31 -3.91 -24.98
N GLU C 46 -8.26 -4.78 -24.62
CA GLU C 46 -9.56 -4.83 -25.25
C GLU C 46 -10.67 -5.12 -24.25
N PHE C 47 -11.50 -4.11 -24.00
CA PHE C 47 -12.66 -4.30 -23.19
C PHE C 47 -13.77 -3.33 -23.56
N ARG C 48 -14.99 -3.72 -23.25
CA ARG C 48 -16.13 -2.84 -23.44
C ARG C 48 -16.75 -2.65 -22.10
N ALA C 49 -17.28 -1.46 -21.86
CA ALA C 49 -17.94 -1.18 -20.61
C ALA C 49 -19.25 -0.41 -20.83
N LEU C 50 -20.25 -0.72 -20.00
CA LEU C 50 -21.52 -0.08 -20.07
C LEU C 50 -21.89 0.21 -18.66
N LEU C 51 -21.87 1.51 -18.30
CA LEU C 51 -22.06 2.03 -16.96
C LEU C 51 -23.24 3.02 -16.87
N PHE C 52 -23.96 2.92 -15.76
CA PHE C 52 -25.18 3.70 -15.51
C PHE C 52 -25.06 4.36 -14.16
N ILE C 53 -25.49 5.62 -14.10
CA ILE C 53 -25.79 6.24 -12.86
C ILE C 53 -27.27 6.02 -12.51
N PRO C 54 -27.55 5.51 -11.31
CA PRO C 54 -28.97 5.41 -10.92
C PRO C 54 -29.57 6.73 -10.56
N ARG C 55 -30.89 6.78 -10.48
CA ARG C 55 -31.62 7.97 -10.06
C ARG C 55 -31.59 8.11 -8.53
N ARG C 56 -31.52 6.99 -7.84
CA ARG C 56 -31.69 6.97 -6.41
C ARG C 56 -30.45 6.44 -5.77
N ALA C 57 -30.11 6.98 -4.61
CA ALA C 57 -28.99 6.51 -3.83
C ALA C 57 -29.39 5.20 -3.18
N PRO C 58 -28.93 4.06 -3.73
CA PRO C 58 -29.35 2.79 -3.15
C PRO C 58 -28.76 2.56 -1.76
N ASN C 70 -21.88 -4.28 -7.89
CA ASN C 70 -22.30 -3.12 -8.64
C ASN C 70 -21.84 -3.18 -10.10
N ILE C 71 -20.63 -3.68 -10.31
CA ILE C 71 -20.11 -3.83 -11.67
C ILE C 71 -19.82 -5.29 -12.06
N LYS C 72 -20.75 -5.88 -12.78
CA LYS C 72 -20.58 -7.25 -13.27
C LYS C 72 -19.34 -7.34 -14.12
N LEU C 73 -18.67 -8.48 -14.10
CA LEU C 73 -17.46 -8.70 -14.90
C LEU C 73 -17.69 -9.90 -15.84
N TYR C 74 -17.34 -9.74 -17.10
CA TYR C 74 -17.39 -10.80 -18.10
C TYR C 74 -16.02 -10.94 -18.73
N VAL C 75 -15.75 -12.13 -19.30
CA VAL C 75 -14.53 -12.39 -20.02
C VAL C 75 -14.82 -13.04 -21.38
N ARG C 76 -14.52 -12.32 -22.47
CA ARG C 76 -14.96 -12.71 -23.82
C ARG C 76 -16.44 -13.12 -23.83
N ARG C 77 -17.30 -12.25 -23.30
CA ARG C 77 -18.76 -12.50 -23.20
C ARG C 77 -19.16 -13.73 -22.35
N VAL C 78 -18.44 -13.99 -21.26
CA VAL C 78 -18.77 -15.09 -20.35
C VAL C 78 -18.59 -14.60 -18.92
N PHE C 79 -19.65 -14.70 -18.11
CA PHE C 79 -19.71 -14.07 -16.76
C PHE C 79 -18.78 -14.74 -15.77
N ILE C 80 -17.96 -13.94 -15.08
CA ILE C 80 -17.06 -14.48 -14.06
C ILE C 80 -17.54 -14.15 -12.65
N MET C 81 -17.63 -12.87 -12.32
CA MET C 81 -17.97 -12.48 -10.94
C MET C 81 -18.62 -11.11 -10.86
N ASP C 82 -19.34 -10.88 -9.76
CA ASP C 82 -20.05 -9.62 -9.48
C ASP C 82 -19.23 -8.76 -8.50
N SER C 83 -18.09 -9.29 -8.06
CA SER C 83 -17.38 -8.75 -6.91
C SER C 83 -15.89 -8.56 -7.21
N CYS C 84 -15.62 -7.77 -8.24
CA CYS C 84 -14.26 -7.26 -8.45
C CYS C 84 -14.21 -5.82 -7.96
N ASP C 85 -13.61 -5.61 -6.79
CA ASP C 85 -13.58 -4.28 -6.16
C ASP C 85 -12.57 -3.38 -6.85
N GLU C 86 -11.62 -3.99 -7.55
CA GLU C 86 -10.60 -3.27 -8.29
C GLU C 86 -11.08 -2.75 -9.63
N LEU C 87 -12.34 -3.03 -10.00
CA LEU C 87 -12.88 -2.46 -11.22
C LEU C 87 -13.14 -0.99 -11.02
N ILE C 88 -13.37 -0.58 -9.78
CA ILE C 88 -13.83 0.75 -9.54
C ILE C 88 -13.54 1.15 -8.10
N PRO C 89 -13.15 2.42 -7.86
CA PRO C 89 -13.00 2.96 -6.51
C PRO C 89 -14.29 2.87 -5.71
N GLU C 90 -14.20 3.17 -4.42
CA GLU C 90 -15.33 2.85 -3.55
C GLU C 90 -16.32 3.98 -3.61
N TYR C 91 -15.83 5.21 -3.61
CA TYR C 91 -16.72 6.35 -3.72
C TYR C 91 -17.66 6.28 -4.93
N LEU C 92 -17.22 5.61 -6.00
CA LEU C 92 -18.10 5.38 -7.13
C LEU C 92 -18.96 4.07 -7.03
N ASN C 93 -19.16 3.49 -5.86
CA ASN C 93 -19.84 2.20 -5.82
C ASN C 93 -21.28 2.22 -6.33
N PHE C 94 -21.81 3.42 -6.56
CA PHE C 94 -23.20 3.58 -6.94
C PHE C 94 -23.43 3.25 -8.43
N ILE C 95 -22.33 3.24 -9.18
CA ILE C 95 -22.38 3.01 -10.60
C ILE C 95 -22.69 1.56 -10.88
N ARG C 96 -23.79 1.32 -11.60
CA ARG C 96 -24.16 -0.02 -11.97
C ARG C 96 -23.74 -0.25 -13.39
N GLY C 97 -22.97 -1.32 -13.64
CA GLY C 97 -22.62 -1.66 -15.01
C GLY C 97 -22.17 -3.09 -15.30
N VAL C 98 -21.64 -3.27 -16.50
CA VAL C 98 -20.89 -4.48 -16.85
C VAL C 98 -19.64 -4.06 -17.63
N VAL C 99 -18.67 -4.98 -17.62
CA VAL C 99 -17.37 -4.81 -18.23
C VAL C 99 -17.05 -6.15 -18.80
N ASP C 100 -16.71 -6.17 -20.09
CA ASP C 100 -16.42 -7.38 -20.80
C ASP C 100 -15.01 -7.31 -21.33
N SER C 101 -14.10 -7.99 -20.63
CA SER C 101 -12.69 -7.98 -20.90
C SER C 101 -12.35 -9.06 -21.92
N GLU C 102 -11.63 -8.70 -22.97
CA GLU C 102 -11.13 -9.71 -23.89
C GLU C 102 -9.92 -10.41 -23.29
N ASP C 103 -9.13 -9.70 -22.48
CA ASP C 103 -7.77 -10.10 -22.13
C ASP C 103 -7.56 -10.73 -20.75
N LEU C 104 -8.61 -11.27 -20.13
CA LEU C 104 -8.46 -11.82 -18.78
C LEU C 104 -8.59 -13.33 -18.73
N PRO C 105 -7.92 -13.96 -17.74
CA PRO C 105 -8.03 -15.42 -17.58
C PRO C 105 -9.34 -15.83 -16.93
N LEU C 106 -9.49 -17.14 -16.75
CA LEU C 106 -10.47 -17.66 -15.82
C LEU C 106 -9.66 -18.08 -14.60
N ASN C 107 -8.95 -17.10 -14.02
CA ASN C 107 -8.14 -17.27 -12.81
C ASN C 107 -7.04 -18.32 -12.94
N ILE C 108 -7.44 -19.58 -13.09
CA ILE C 108 -6.53 -20.73 -13.00
C ILE C 108 -5.59 -20.87 -14.21
N SER C 109 -4.95 -19.77 -14.60
CA SER C 109 -3.71 -19.78 -15.36
C SER C 109 -2.53 -19.42 -14.44
N ARG C 110 -2.82 -19.20 -13.16
CA ARG C 110 -1.80 -18.85 -12.14
C ARG C 110 -0.97 -17.60 -12.48
N GLU C 111 -1.44 -16.81 -13.46
CA GLU C 111 -0.68 -15.67 -13.97
C GLU C 111 -1.29 -14.39 -13.41
N MET C 112 -1.26 -14.26 -12.09
CA MET C 112 -2.01 -13.23 -11.37
C MET C 112 -1.32 -11.87 -11.33
N LEU C 113 -0.08 -11.80 -11.82
CA LEU C 113 0.65 -10.54 -11.88
C LEU C 113 -0.03 -9.58 -12.85
N GLN C 114 -0.34 -10.07 -14.05
CA GLN C 114 -1.02 -9.27 -15.07
C GLN C 114 -2.50 -9.04 -14.75
N GLN C 115 -3.12 -9.97 -14.02
CA GLN C 115 -4.46 -9.74 -13.49
C GLN C 115 -4.49 -8.34 -12.90
N SER C 116 -3.54 -8.07 -11.99
CA SER C 116 -3.47 -6.75 -11.34
C SER C 116 -3.24 -5.59 -12.30
N LYS C 117 -2.42 -5.79 -13.33
CA LYS C 117 -2.09 -4.71 -14.27
C LYS C 117 -3.26 -4.41 -15.21
N ILE C 118 -3.88 -5.46 -15.74
CA ILE C 118 -5.05 -5.32 -16.62
C ILE C 118 -6.19 -4.67 -15.88
N LEU C 119 -6.41 -5.07 -14.62
CA LEU C 119 -7.49 -4.54 -13.80
C LEU C 119 -7.25 -3.11 -13.52
N LYS C 120 -5.99 -2.73 -13.51
CA LYS C 120 -5.58 -1.37 -13.30
C LYS C 120 -5.95 -0.48 -14.48
N VAL C 121 -5.66 -0.92 -15.70
CA VAL C 121 -5.97 -0.09 -16.85
C VAL C 121 -7.49 0.00 -16.99
N ILE C 122 -8.17 -1.11 -16.76
CA ILE C 122 -9.62 -1.10 -16.90
C ILE C 122 -10.12 0.00 -16.02
N ARG C 123 -9.65 0.00 -14.79
CA ARG C 123 -10.10 0.90 -13.72
C ARG C 123 -9.85 2.39 -13.95
N LYS C 124 -8.71 2.74 -14.51
CA LYS C 124 -8.43 4.18 -14.75
C LYS C 124 -9.32 4.68 -15.88
N ASN C 125 -9.69 3.78 -16.78
CA ASN C 125 -10.58 4.14 -17.88
C ASN C 125 -12.02 4.35 -17.42
N ILE C 126 -12.48 3.35 -16.70
CA ILE C 126 -13.73 3.39 -15.99
C ILE C 126 -13.90 4.68 -15.26
N VAL C 127 -13.07 4.91 -14.24
CA VAL C 127 -13.06 6.21 -13.52
C VAL C 127 -13.02 7.43 -14.48
N LYS C 128 -12.12 7.42 -15.44
CA LYS C 128 -12.01 8.54 -16.41
C LYS C 128 -13.36 8.83 -17.07
N LYS C 129 -14.05 7.77 -17.45
CA LYS C 129 -15.24 7.90 -18.27
C LYS C 129 -16.46 8.22 -17.42
N CYS C 130 -16.39 7.91 -16.13
CA CYS C 130 -17.46 8.34 -15.22
C CYS C 130 -17.33 9.82 -14.97
N LEU C 131 -16.10 10.30 -14.88
CA LEU C 131 -15.85 11.74 -14.70
C LEU C 131 -16.26 12.54 -15.93
N GLU C 132 -15.97 12.00 -17.10
CA GLU C 132 -16.42 12.55 -18.37
C GLU C 132 -17.95 12.66 -18.35
N LEU C 133 -18.60 11.61 -17.91
CA LEU C 133 -20.05 11.56 -17.90
C LEU C 133 -20.63 12.57 -16.91
N PHE C 134 -20.00 12.71 -15.73
CA PHE C 134 -20.42 13.74 -14.77
C PHE C 134 -20.34 15.15 -15.35
N SER C 135 -19.25 15.50 -16.05
CA SER C 135 -19.10 16.84 -16.69
C SER C 135 -20.13 17.09 -17.81
N GLU C 136 -20.35 16.07 -18.62
CA GLU C 136 -21.37 16.14 -19.65
C GLU C 136 -22.75 16.40 -18.99
N LEU C 137 -23.08 15.60 -17.98
CA LEU C 137 -24.38 15.70 -17.30
C LEU C 137 -24.57 17.10 -16.70
N ALA C 138 -23.43 17.72 -16.34
CA ALA C 138 -23.42 19.07 -15.77
C ALA C 138 -23.75 20.22 -16.76
N GLU C 139 -23.97 19.88 -18.04
CA GLU C 139 -24.32 20.88 -19.07
C GLU C 139 -25.84 21.07 -19.16
N ASP C 140 -26.60 20.10 -18.68
CA ASP C 140 -28.03 20.29 -18.49
C ASP C 140 -28.40 20.45 -16.99
N LYS C 141 -28.68 21.69 -16.63
CA LYS C 141 -29.02 22.07 -15.26
C LYS C 141 -29.87 21.07 -14.48
N GLU C 142 -30.93 20.55 -15.10
CA GLU C 142 -32.01 19.85 -14.39
C GLU C 142 -31.69 18.40 -14.01
N ASN C 143 -30.94 17.71 -14.87
CA ASN C 143 -30.53 16.34 -14.55
C ASN C 143 -29.25 16.31 -13.70
N TYR C 144 -28.38 17.30 -13.82
CA TYR C 144 -27.21 17.32 -12.94
C TYR C 144 -27.71 17.50 -11.50
N LYS C 145 -28.83 18.18 -11.33
CA LYS C 145 -29.40 18.46 -10.01
C LYS C 145 -29.95 17.18 -9.39
N LYS C 146 -30.72 16.42 -10.16
CA LYS C 146 -31.10 15.08 -9.72
C LYS C 146 -29.88 14.28 -9.26
N PHE C 147 -28.85 14.24 -10.10
CA PHE C 147 -27.62 13.50 -9.81
C PHE C 147 -26.94 14.04 -8.56
N TYR C 148 -26.74 15.36 -8.52
CA TYR C 148 -26.00 15.95 -7.43
C TYR C 148 -26.70 15.69 -6.10
N GLU C 149 -28.03 15.76 -6.10
CA GLU C 149 -28.84 15.51 -4.92
C GLU C 149 -28.74 14.09 -4.39
N ALA C 150 -28.50 13.13 -5.27
CA ALA C 150 -28.31 11.76 -4.84
C ALA C 150 -26.88 11.56 -4.34
N PHE C 151 -25.90 12.01 -5.11
CA PHE C 151 -24.54 11.45 -4.99
C PHE C 151 -23.45 12.46 -4.78
N SER C 152 -23.79 13.58 -4.15
CA SER C 152 -22.79 14.58 -3.81
C SER C 152 -21.85 14.16 -2.67
N LYS C 153 -22.33 13.42 -1.68
CA LYS C 153 -21.42 12.83 -0.66
C LYS C 153 -20.26 12.15 -1.37
N ASN C 154 -20.55 11.38 -2.41
CA ASN C 154 -19.53 10.58 -3.11
C ASN C 154 -18.46 11.37 -3.84
N LEU C 155 -18.80 12.52 -4.41
CA LEU C 155 -17.81 13.38 -5.06
C LEU C 155 -16.89 13.94 -4.01
N LYS C 156 -17.50 14.36 -2.91
CA LYS C 156 -16.74 14.91 -1.81
C LYS C 156 -15.79 13.86 -1.21
N LEU C 157 -16.23 12.60 -1.15
CA LEU C 157 -15.38 11.50 -0.64
C LEU C 157 -14.22 11.22 -1.55
N GLY C 158 -14.43 11.43 -2.84
CA GLY C 158 -13.39 11.22 -3.85
C GLY C 158 -12.30 12.28 -3.85
N ILE C 159 -12.56 13.40 -3.21
CA ILE C 159 -11.50 14.39 -3.10
C ILE C 159 -10.37 13.83 -2.25
N HIS C 160 -10.72 13.18 -1.13
CA HIS C 160 -9.74 12.47 -0.30
C HIS C 160 -9.19 11.21 -0.95
N GLU C 161 -10.09 10.39 -1.46
CA GLU C 161 -9.75 9.06 -1.94
C GLU C 161 -9.10 9.00 -3.33
N ASP C 162 -9.29 10.05 -4.13
CA ASP C 162 -8.88 10.01 -5.54
C ASP C 162 -8.16 11.32 -5.85
N SER C 163 -6.93 11.40 -5.36
CA SER C 163 -6.10 12.58 -5.43
C SER C 163 -5.67 12.92 -6.86
N THR C 164 -5.56 11.92 -7.73
CA THR C 164 -5.23 12.23 -9.11
C THR C 164 -6.38 12.98 -9.80
N ASN C 165 -7.62 12.76 -9.35
CA ASN C 165 -8.78 13.42 -9.97
C ASN C 165 -9.43 14.51 -9.12
N ARG C 166 -8.69 14.97 -8.11
CA ARG C 166 -9.21 15.90 -7.10
C ARG C 166 -9.66 17.21 -7.74
N ARG C 167 -8.94 17.67 -8.73
CA ARG C 167 -9.28 18.95 -9.34
C ARG C 167 -10.63 18.89 -10.05
N ARG C 168 -10.84 17.90 -10.90
CA ARG C 168 -12.10 17.80 -11.66
C ARG C 168 -13.27 17.50 -10.75
N LEU C 169 -13.07 16.55 -9.83
CA LEU C 169 -14.05 16.28 -8.81
C LEU C 169 -14.53 17.59 -8.17
N SER C 170 -13.58 18.45 -7.79
CA SER C 170 -13.91 19.71 -7.15
C SER C 170 -14.66 20.68 -8.08
N GLU C 171 -14.46 20.53 -9.38
CA GLU C 171 -15.21 21.33 -10.35
C GLU C 171 -16.67 20.83 -10.47
N LEU C 172 -16.94 19.63 -9.98
CA LEU C 172 -18.30 19.11 -10.02
C LEU C 172 -19.08 19.51 -8.77
N LEU C 173 -18.40 20.00 -7.74
CA LEU C 173 -19.09 20.40 -6.51
C LEU C 173 -19.92 21.66 -6.73
N ARG C 174 -21.07 21.70 -6.03
CA ARG C 174 -22.00 22.82 -6.05
C ARG C 174 -22.42 23.19 -4.62
N TYR C 175 -22.53 24.49 -4.33
CA TYR C 175 -23.07 24.98 -3.05
C TYR C 175 -23.99 26.16 -3.26
N HIS C 176 -25.01 26.26 -2.42
CA HIS C 176 -25.71 27.53 -2.15
C HIS C 176 -24.69 28.42 -1.52
N THR C 177 -24.87 29.72 -1.69
CA THR C 177 -23.97 30.70 -1.09
C THR C 177 -24.77 31.95 -0.68
N SER C 178 -24.06 32.93 -0.14
CA SER C 178 -24.65 34.22 0.16
C SER C 178 -25.10 35.03 -1.06
N GLN C 179 -24.84 34.55 -2.28
CA GLN C 179 -25.31 35.25 -3.49
C GLN C 179 -26.06 34.38 -4.49
N SER C 180 -26.20 33.08 -4.22
CA SER C 180 -26.81 32.16 -5.16
C SER C 180 -28.34 32.05 -4.98
N GLY C 181 -28.84 32.57 -3.85
CA GLY C 181 -30.26 32.47 -3.54
C GLY C 181 -30.68 31.01 -3.46
N ASP C 182 -31.76 30.66 -4.14
CA ASP C 182 -32.36 29.34 -4.02
C ASP C 182 -31.65 28.23 -4.81
N GLU C 183 -30.65 28.59 -5.63
CA GLU C 183 -29.96 27.59 -6.43
C GLU C 183 -28.47 27.46 -6.10
N MET C 184 -27.85 26.41 -6.62
CA MET C 184 -26.47 26.07 -6.30
C MET C 184 -25.51 26.75 -7.29
N THR C 185 -24.31 27.07 -6.85
CA THR C 185 -23.26 27.56 -7.72
C THR C 185 -22.00 26.75 -7.53
N SER C 186 -21.13 26.78 -8.54
CA SER C 186 -19.86 26.11 -8.50
C SER C 186 -18.78 27.05 -7.98
N LEU C 187 -17.65 26.46 -7.65
CA LEU C 187 -16.49 27.20 -7.20
C LEU C 187 -15.84 28.04 -8.29
N SER C 188 -15.89 27.55 -9.52
CA SER C 188 -15.41 28.29 -10.69
C SER C 188 -16.29 29.55 -10.91
N GLU C 189 -17.60 29.37 -10.86
CA GLU C 189 -18.52 30.51 -10.93
C GLU C 189 -18.31 31.45 -9.74
N TYR C 190 -18.05 30.89 -8.55
CA TYR C 190 -17.67 31.71 -7.38
C TYR C 190 -16.42 32.50 -7.66
N VAL C 191 -15.37 31.82 -8.11
CA VAL C 191 -14.11 32.51 -8.41
C VAL C 191 -14.24 33.66 -9.43
N SER C 192 -15.09 33.48 -10.44
CA SER C 192 -15.23 34.48 -11.52
C SER C 192 -15.90 35.79 -11.07
N ARG C 193 -16.79 35.70 -10.10
CA ARG C 193 -17.47 36.88 -9.55
C ARG C 193 -16.90 37.35 -8.21
N MET C 194 -15.72 36.88 -7.86
CA MET C 194 -15.07 37.40 -6.65
C MET C 194 -14.33 38.68 -7.02
N LYS C 195 -13.89 39.45 -6.01
CA LYS C 195 -13.39 40.79 -6.29
C LYS C 195 -11.98 40.73 -6.82
N GLU C 196 -11.63 41.69 -7.67
CA GLU C 196 -10.31 41.74 -8.30
C GLU C 196 -9.18 41.61 -7.25
N THR C 197 -9.51 41.94 -6.00
CA THR C 197 -8.56 41.88 -4.90
C THR C 197 -8.96 40.94 -3.73
N GLN C 198 -10.15 40.33 -3.79
CA GLN C 198 -10.48 39.24 -2.87
C GLN C 198 -9.47 38.14 -3.15
N LYS C 199 -8.91 37.59 -2.07
CA LYS C 199 -7.77 36.71 -2.16
C LYS C 199 -8.10 35.27 -1.78
N SER C 200 -9.19 35.08 -1.03
CA SER C 200 -9.58 33.75 -0.56
C SER C 200 -11.06 33.45 -0.88
N ILE C 201 -11.42 32.17 -0.87
CA ILE C 201 -12.81 31.73 -0.99
C ILE C 201 -13.39 31.50 0.40
N TYR C 202 -14.40 32.29 0.79
CA TYR C 202 -14.89 32.31 2.17
C TYR C 202 -16.06 31.38 2.34
N TYR C 203 -16.10 30.68 3.49
CA TYR C 203 -17.17 29.74 3.80
C TYR C 203 -17.51 29.66 5.29
N ILE C 204 -18.62 28.96 5.55
CA ILE C 204 -19.08 28.65 6.87
C ILE C 204 -19.77 27.26 6.84
N THR C 205 -19.47 26.42 7.80
CA THR C 205 -20.16 25.15 7.91
C THR C 205 -21.24 25.26 8.97
N GLY C 206 -22.25 24.40 8.86
CA GLY C 206 -23.35 24.40 9.81
C GLY C 206 -24.49 23.44 9.45
N GLU C 207 -25.59 23.61 10.16
CA GLU C 207 -26.70 22.67 10.16
C GLU C 207 -27.70 22.99 9.04
N SER C 208 -27.81 24.26 8.67
CA SER C 208 -28.80 24.69 7.69
C SER C 208 -28.52 26.11 7.26
N LYS C 209 -29.23 26.55 6.22
CA LYS C 209 -29.10 27.89 5.68
C LYS C 209 -29.60 28.92 6.69
N GLU C 210 -30.70 28.61 7.38
CA GLU C 210 -31.21 29.52 8.41
C GLU C 210 -30.11 29.74 9.44
N GLN C 211 -29.56 28.63 9.94
CA GLN C 211 -28.46 28.68 10.87
C GLN C 211 -27.36 29.65 10.39
N VAL C 212 -26.85 29.43 9.19
CA VAL C 212 -25.63 30.09 8.73
C VAL C 212 -25.86 31.40 7.98
N ALA C 213 -26.99 31.50 7.29
CA ALA C 213 -27.37 32.73 6.59
C ALA C 213 -27.36 33.95 7.51
N ASN C 214 -27.81 33.77 8.75
CA ASN C 214 -27.93 34.89 9.70
C ASN C 214 -26.83 34.93 10.77
N SER C 215 -25.76 34.17 10.58
CA SER C 215 -24.62 34.25 11.47
C SER C 215 -23.96 35.62 11.32
N ALA C 216 -23.45 36.14 12.43
CA ALA C 216 -22.77 37.44 12.43
C ALA C 216 -21.48 37.38 11.62
N PHE C 217 -20.82 36.22 11.67
CA PHE C 217 -19.53 36.01 11.03
C PHE C 217 -19.65 36.07 9.53
N VAL C 218 -20.76 35.54 9.03
CA VAL C 218 -21.08 35.67 7.62
C VAL C 218 -21.30 37.14 7.29
N GLU C 219 -22.04 37.84 8.14
CA GLU C 219 -22.38 39.24 7.88
C GLU C 219 -21.11 40.10 7.80
N ARG C 220 -20.16 39.90 8.71
CA ARG C 220 -18.93 40.68 8.68
C ARG C 220 -18.29 40.56 7.30
N VAL C 221 -18.38 39.38 6.68
CA VAL C 221 -17.69 39.18 5.42
C VAL C 221 -18.46 39.78 4.25
N ARG C 222 -19.78 39.62 4.25
CA ARG C 222 -20.61 40.21 3.19
C ARG C 222 -20.54 41.73 3.17
N LYS C 223 -20.48 42.34 4.35
CA LYS C 223 -20.32 43.80 4.48
C LYS C 223 -19.13 44.34 3.70
N ARG C 224 -18.05 43.55 3.60
CA ARG C 224 -16.93 43.94 2.74
C ARG C 224 -17.11 43.51 1.30
N GLY C 225 -18.18 42.79 1.00
CA GLY C 225 -18.56 42.50 -0.38
C GLY C 225 -18.19 41.11 -0.91
N PHE C 226 -17.49 40.32 -0.10
CA PHE C 226 -17.14 38.94 -0.49
C PHE C 226 -18.31 37.96 -0.37
N GLU C 227 -18.45 37.11 -1.36
CA GLU C 227 -19.42 36.02 -1.31
C GLU C 227 -19.01 34.95 -0.27
N VAL C 228 -20.00 34.25 0.31
CA VAL C 228 -19.75 33.21 1.30
C VAL C 228 -20.46 31.92 0.97
N VAL C 229 -19.70 30.83 0.86
CA VAL C 229 -20.28 29.54 0.58
C VAL C 229 -20.98 28.99 1.82
N TYR C 230 -22.19 28.49 1.64
CA TYR C 230 -22.90 27.81 2.73
C TYR C 230 -22.67 26.32 2.62
N MET C 231 -22.00 25.76 3.63
CA MET C 231 -21.71 24.34 3.64
C MET C 231 -22.53 23.68 4.75
N THR C 232 -23.58 22.95 4.34
CA THR C 232 -24.65 22.56 5.25
C THR C 232 -24.91 21.04 5.31
N GLU C 233 -23.98 20.24 4.79
CA GLU C 233 -24.04 18.78 4.96
C GLU C 233 -22.95 18.31 5.90
N PRO C 234 -23.24 17.28 6.71
CA PRO C 234 -22.30 16.69 7.61
C PRO C 234 -20.89 16.57 7.07
N ILE C 235 -20.79 16.14 5.81
CA ILE C 235 -19.52 15.75 5.21
C ILE C 235 -18.67 16.98 4.87
N ASP C 236 -19.24 18.19 4.95
CA ASP C 236 -18.57 19.38 4.35
C ASP C 236 -17.31 19.88 5.06
N GLU C 237 -17.31 19.90 6.38
CA GLU C 237 -16.11 20.27 7.13
C GLU C 237 -14.98 19.28 6.79
N TYR C 238 -15.29 17.99 6.85
CA TYR C 238 -14.34 16.98 6.39
C TYR C 238 -13.81 17.36 5.02
N CYS C 239 -14.73 17.54 4.07
CA CYS C 239 -14.40 17.77 2.67
C CYS C 239 -13.58 19.01 2.41
N VAL C 240 -13.89 20.13 3.06
CA VAL C 240 -13.03 21.34 2.91
C VAL C 240 -11.66 21.09 3.54
N GLN C 241 -11.61 20.26 4.57
CA GLN C 241 -10.35 19.93 5.22
C GLN C 241 -9.44 19.29 4.19
N GLN C 242 -10.02 18.47 3.33
CA GLN C 242 -9.28 17.75 2.30
C GLN C 242 -8.94 18.58 1.10
N LEU C 243 -9.83 19.50 0.75
CA LEU C 243 -9.68 20.29 -0.48
C LEU C 243 -8.67 21.43 -0.27
N LYS C 244 -8.86 22.16 0.83
CA LYS C 244 -7.94 23.20 1.28
C LYS C 244 -7.95 24.44 0.41
N GLU C 245 -7.85 24.26 -0.91
CA GLU C 245 -7.86 25.37 -1.85
C GLU C 245 -8.57 25.03 -3.16
N PHE C 246 -8.74 26.04 -4.02
CA PHE C 246 -9.37 25.87 -5.32
C PHE C 246 -8.87 26.95 -6.22
N ASP C 247 -8.55 26.55 -7.45
CA ASP C 247 -7.93 27.44 -8.42
C ASP C 247 -6.80 28.30 -7.82
N GLY C 248 -6.03 27.73 -6.89
CA GLY C 248 -4.91 28.45 -6.28
C GLY C 248 -5.28 29.38 -5.14
N LYS C 249 -6.51 29.27 -4.63
CA LYS C 249 -7.04 30.19 -3.63
C LYS C 249 -7.58 29.44 -2.44
N SER C 250 -7.10 29.81 -1.27
CA SER C 250 -7.40 29.09 -0.04
C SER C 250 -8.90 29.13 0.32
N LEU C 251 -9.40 28.02 0.85
CA LEU C 251 -10.68 28.01 1.57
C LEU C 251 -10.48 28.49 3.01
N VAL C 252 -11.33 29.43 3.43
CA VAL C 252 -11.18 30.05 4.73
C VAL C 252 -12.52 30.14 5.39
N SER C 253 -12.63 29.48 6.56
CA SER C 253 -13.79 29.59 7.42
C SER C 253 -13.97 31.02 7.91
N VAL C 254 -15.18 31.56 7.77
CA VAL C 254 -15.47 32.91 8.27
C VAL C 254 -15.61 32.94 9.78
N THR C 255 -15.70 31.77 10.42
CA THR C 255 -15.74 31.66 11.87
C THR C 255 -14.34 31.55 12.48
N LYS C 256 -13.32 31.52 11.63
CA LYS C 256 -11.93 31.49 12.13
C LYS C 256 -11.63 32.72 12.96
N GLU C 257 -10.69 32.57 13.89
CA GLU C 257 -10.35 33.58 14.90
C GLU C 257 -9.44 34.75 14.43
N GLY C 258 -8.37 34.42 13.71
CA GLY C 258 -7.47 35.44 13.15
C GLY C 258 -7.81 35.66 11.68
N LEU C 259 -9.07 35.99 11.41
CA LEU C 259 -9.52 36.23 10.06
C LEU C 259 -9.18 37.69 9.72
N GLU C 260 -8.44 37.92 8.62
CA GLU C 260 -8.07 39.28 8.16
C GLU C 260 -8.87 39.65 6.91
N LEU C 261 -9.62 40.75 6.95
CA LEU C 261 -10.59 41.03 5.87
C LEU C 261 -10.30 42.32 5.07
N ALA C 262 -9.16 42.97 5.36
CA ALA C 262 -8.80 44.25 4.75
C ALA C 262 -8.40 44.09 3.26
N GLU C 263 -8.34 45.21 2.53
CA GLU C 263 -7.98 45.18 1.08
C GLU C 263 -6.83 46.14 0.76
#